data_9HMV
#
_entry.id   9HMV
#
loop_
_entity.id
_entity.type
_entity.pdbx_description
1 polymer 'Cohesin subunit SA-2'
2 polymer 'Double-strand-break repair protein rad21 homolog'
#
loop_
_entity_poly.entity_id
_entity_poly.type
_entity_poly.pdbx_seq_one_letter_code
_entity_poly.pdbx_strand_id
1 'polypeptide(L)'
;MIAAPEIPTDFNLLQESETHFSSDTDFEDIEGKNQKQGKGKTCKKGKKGPAEKGKGGNGGGKPPSGPNRMNGHHQQNGVE
NMMLFEVVKMGKSAMQSVVDDWIESYKHDRDIALLDLINFFIQCSGCKGVVTAEMFRHMQNSEIIRKMTEEFDEDSGDYP
LTMAGPQWKKFKSSFCEFIGVLVRQCQYSIIYDEYMMDTVISLLTGLSDSQVRAFRHTSTLAAMKLMTALVNVALNLSIN
MDNTQRQYEAERNKMIGKRANERLELLLQKRKELQENQDEIENMMNAIFKGVFVHRYRDAIAEIRAICIEEIGIWMKMYS
DAFLNDSYLKYVGWTMHDKQGEVRLKCLTALQGLYYNKELNSKLELFTSRFKDRIVSMTLDKEYDVAVQAIKLLTLVLQS
SEEVLTAEDCENVYHLVYSAHRPVAVAAGEFLYKKLFSRRDPEEDGMMKRRGRQGPNANLVKTLVFFFLESELHEHAAYL
VDSMWDCATELLKDWECMNSLLLEEPLSGEEALTDRQESALIEIMLCTIRQAAECHPPVGRGTGKRVLTAKEKKTQLDDR
TKITELFAVALPQLLAKYSVDAEKVTNLLQLPQYFDLEIYTTGRLEKHLDALLRQIRNIVEKHTDTDVLEACSKTYHALC
NEEFTIFNRVDISRSQLIDELADKFNRLLEDFLQEGEEPDEDDAYQVLSTLKRITAFHNAHDLSKWDLFACNYKLLKTGI
ENGDMPEQIVIHALQCTHYVILWQLAKITESSSTKEDLLRLKKQMRVFCQICQHYLTNVNTTVKEQAFTILCDILMIFSH
QIMSGGRDMLEPLVYTPDSSLQSELLSFILDHVFIEQDDDNNSADGQQEDEASKIEALHKRRNLLAAFCKLIVYTVVEMN
TAADIFKQYMKYYNDYGDIIKETMSKTRQIDKIQCAKTLILSLQQLFNEMIQENGYNFDRSSSTFSGIKELARRFALTFG
LDQLKTREAIAMLHKDGIEFAFKEPNPQGESHPPLNLAFLDILSEFSSKLLRQDKRTVYVYLEKFMTFQMSLRREDVWLP
LMSYRNSLLAGGDDDTMSVISGISSRGSTVRSKKSKPSTGKRKVVEGMQLSLTEESSSSDSMWLSREQTLHTPVMMQTPQ
LTSTIMREPKRLRPEDSFMSVYPMQTEHHQTPLDYNRRGTSLMEDDEEPIVEDVMMSSEGRIEDLNEGMDFDTMDIDLPP
SKNRRERTELKPDFFDPASIMDESVLGVSMFSSLAEENLYFQSWSHPQFEKGGGSGGGSGGGSWSHPQFEK
;
A
2 'polypeptide(L)'
;DITVKETKAKRKRKLIVDSVKELDSKTIRAQLSDYSDIVTTLDLAPPTKKLMMWKETGGVEKLFSLPAQPLWNNRLLKLF
TRCLTPLVPEDLRKRRKGGEADNLDEFLKEFENPEVPREDQQQQHQQRDVIDEPIIEEPSRLQESVMEASRTNIDESAMP
PPPPQGVKRKAGQIDPEPVMPPQQVEQMEIPPVELPPEEPPNICQLIPELELLPEKEKEKEKEKEDDEEEEDEDASGGDQ
D
;
B
#
# COMPACT_ATOMS: atom_id res chain seq x y z
N MET A 83 44.56 -2.94 27.46
CA MET A 83 44.94 -2.43 26.11
C MET A 83 43.97 -1.33 25.70
N LEU A 84 44.38 -0.48 24.75
CA LEU A 84 43.52 0.65 24.30
C LEU A 84 42.25 0.10 23.64
N PHE A 85 42.41 -0.84 22.70
CA PHE A 85 41.24 -1.42 21.98
C PHE A 85 40.31 -2.05 22.99
N GLU A 86 40.86 -2.87 23.88
CA GLU A 86 40.00 -3.61 24.85
C GLU A 86 39.22 -2.59 25.70
N VAL A 87 39.88 -1.54 26.18
CA VAL A 87 39.21 -0.55 27.07
C VAL A 87 38.06 0.11 26.29
N VAL A 88 38.31 0.48 25.04
CA VAL A 88 37.27 1.17 24.22
C VAL A 88 36.09 0.20 23.99
N LYS A 89 36.38 -1.09 23.78
CA LYS A 89 35.31 -2.09 23.54
C LYS A 89 34.54 -2.35 24.85
N MET A 90 35.25 -2.46 25.97
CA MET A 90 34.59 -2.71 27.28
C MET A 90 33.59 -1.57 27.55
N GLY A 91 33.96 -0.32 27.29
CA GLY A 91 33.02 0.80 27.45
C GLY A 91 32.69 1.05 28.90
N LYS A 92 33.67 0.88 29.79
CA LYS A 92 33.44 1.06 31.25
C LYS A 92 34.01 2.41 31.69
N SER A 93 35.22 2.76 31.23
CA SER A 93 35.86 4.02 31.70
C SER A 93 35.55 5.19 30.76
N ALA A 94 35.69 6.41 31.25
CA ALA A 94 35.47 7.61 30.41
C ALA A 94 36.64 7.76 29.44
N MET A 95 36.36 8.27 28.23
CA MET A 95 37.42 8.38 27.20
C MET A 95 38.48 9.39 27.67
N GLN A 96 38.07 10.42 28.42
CA GLN A 96 39.04 11.46 28.84
C GLN A 96 40.08 10.80 29.75
N SER A 97 39.64 9.92 30.65
CA SER A 97 40.61 9.20 31.52
C SER A 97 41.53 8.37 30.60
N VAL A 98 40.95 7.61 29.68
CA VAL A 98 41.75 6.78 28.74
C VAL A 98 42.75 7.70 28.02
N VAL A 99 42.28 8.81 27.46
CA VAL A 99 43.17 9.71 26.67
C VAL A 99 44.23 10.33 27.58
N ASP A 100 43.81 10.84 28.74
CA ASP A 100 44.77 11.53 29.65
C ASP A 100 45.83 10.51 30.10
N ASP A 101 45.42 9.27 30.33
CA ASP A 101 46.38 8.21 30.71
C ASP A 101 47.44 8.07 29.60
N TRP A 102 47.01 8.00 28.34
CA TRP A 102 47.95 7.86 27.20
C TRP A 102 48.82 9.12 27.07
N ILE A 103 48.23 10.30 27.23
CA ILE A 103 49.00 11.57 27.05
C ILE A 103 50.13 11.59 28.10
N GLU A 104 49.81 11.20 29.33
CA GLU A 104 50.86 11.12 30.38
C GLU A 104 51.96 10.15 29.91
N SER A 105 51.57 9.00 29.37
CA SER A 105 52.56 7.98 28.92
C SER A 105 53.39 8.50 27.75
N TYR A 106 52.78 9.24 26.82
CA TYR A 106 53.51 9.77 25.64
C TYR A 106 54.59 10.71 26.11
N LYS A 107 54.29 11.50 27.14
CA LYS A 107 55.28 12.50 27.63
C LYS A 107 56.51 11.76 28.18
N HIS A 108 56.29 10.65 28.87
CA HIS A 108 57.42 9.85 29.40
C HIS A 108 58.27 9.35 28.23
N ASP A 109 57.76 8.42 27.42
CA ASP A 109 58.49 7.93 26.21
C ASP A 109 57.54 8.02 25.01
N ARG A 110 57.96 8.69 23.92
CA ARG A 110 57.03 8.90 22.78
C ARG A 110 56.86 7.60 21.96
N ASP A 111 57.95 6.86 21.72
CA ASP A 111 57.87 5.66 20.84
C ASP A 111 56.91 4.61 21.43
N ILE A 112 56.96 4.41 22.75
CA ILE A 112 56.10 3.37 23.38
C ILE A 112 54.62 3.76 23.16
N ALA A 113 54.31 5.03 23.34
CA ALA A 113 52.91 5.50 23.20
C ALA A 113 52.45 5.41 21.74
N LEU A 114 53.31 5.79 20.80
CA LEU A 114 52.86 5.81 19.37
C LEU A 114 52.62 4.38 18.90
N LEU A 115 53.42 3.43 19.38
CA LEU A 115 53.24 2.00 19.00
C LEU A 115 51.85 1.55 19.47
N ASP A 116 51.45 1.96 20.67
CA ASP A 116 50.13 1.56 21.23
C ASP A 116 49.02 2.21 20.40
N LEU A 117 49.18 3.49 20.05
CA LEU A 117 48.17 4.19 19.20
C LEU A 117 48.10 3.49 17.83
N ILE A 118 49.26 3.15 17.25
CA ILE A 118 49.29 2.46 15.93
C ILE A 118 48.59 1.09 16.07
N ASN A 119 48.95 0.33 17.10
CA ASN A 119 48.36 -1.03 17.28
C ASN A 119 46.84 -0.91 17.43
N PHE A 120 46.37 0.21 17.99
CA PHE A 120 44.90 0.41 18.21
C PHE A 120 44.16 0.38 16.89
N PHE A 121 44.60 1.17 15.91
CA PHE A 121 43.86 1.26 14.62
C PHE A 121 43.87 -0.12 13.95
N ILE A 122 45.00 -0.82 14.03
CA ILE A 122 45.12 -2.18 13.41
C ILE A 122 44.19 -3.17 14.14
N GLN A 123 44.04 -3.02 15.46
CA GLN A 123 43.21 -3.98 16.24
C GLN A 123 41.73 -3.58 16.15
N CYS A 124 41.44 -2.31 15.83
CA CYS A 124 40.03 -1.88 15.64
C CYS A 124 39.51 -2.35 14.29
N SER A 125 40.40 -2.94 13.47
CA SER A 125 39.96 -3.51 12.18
C SER A 125 39.68 -5.00 12.37
N GLY A 126 40.19 -5.57 13.46
CA GLY A 126 39.96 -6.99 13.76
C GLY A 126 41.25 -7.77 13.71
N CYS A 127 42.35 -7.10 13.37
CA CYS A 127 43.65 -7.79 13.24
C CYS A 127 44.12 -8.19 14.65
N LYS A 128 44.46 -9.47 14.83
CA LYS A 128 44.91 -9.97 16.14
C LYS A 128 46.44 -9.96 16.18
N GLY A 129 47.06 -9.24 15.26
CA GLY A 129 48.54 -9.21 15.18
C GLY A 129 49.11 -8.05 15.97
N VAL A 130 50.44 -7.99 16.09
CA VAL A 130 51.07 -6.93 16.92
C VAL A 130 52.15 -6.22 16.11
N VAL A 131 52.31 -4.91 16.31
CA VAL A 131 53.41 -4.17 15.65
C VAL A 131 54.54 -4.06 16.68
N THR A 132 55.64 -4.80 16.48
CA THR A 132 56.76 -4.78 17.44
C THR A 132 57.53 -3.50 17.26
N ALA A 133 58.30 -3.11 18.28
CA ALA A 133 59.10 -1.86 18.20
C ALA A 133 60.09 -1.98 17.06
N GLU A 134 60.65 -3.18 16.88
CA GLU A 134 61.64 -3.39 15.80
C GLU A 134 60.95 -3.11 14.45
N MET A 135 59.71 -3.57 14.30
CA MET A 135 58.94 -3.29 13.05
C MET A 135 58.81 -1.78 12.87
N PHE A 136 58.30 -1.07 13.88
CA PHE A 136 58.04 0.39 13.75
C PHE A 136 59.34 1.13 13.47
N ARG A 137 60.43 0.72 14.12
CA ARG A 137 61.72 1.46 14.00
C ARG A 137 62.36 1.25 12.63
N HIS A 138 62.22 0.05 12.05
CA HIS A 138 62.96 -0.23 10.78
C HIS A 138 62.02 -0.34 9.57
N MET A 139 60.86 -0.99 9.71
CA MET A 139 59.99 -1.25 8.54
C MET A 139 59.19 -0.01 8.11
N GLN A 140 58.67 -0.01 6.87
CA GLN A 140 57.90 1.14 6.33
C GLN A 140 56.41 0.84 6.46
N ASN A 141 55.55 1.87 6.35
CA ASN A 141 54.09 1.67 6.56
C ASN A 141 53.59 0.58 5.62
N SER A 142 54.03 0.61 4.36
CA SER A 142 53.54 -0.37 3.37
C SER A 142 53.85 -1.81 3.83
N GLU A 143 55.10 -2.06 4.27
CA GLU A 143 55.48 -3.44 4.67
C GLU A 143 54.69 -3.87 5.90
N ILE A 144 54.44 -2.91 6.81
CA ILE A 144 53.72 -3.26 8.07
C ILE A 144 52.30 -3.74 7.70
N ILE A 145 51.64 -3.04 6.80
CA ILE A 145 50.24 -3.40 6.42
C ILE A 145 50.27 -4.79 5.76
N ARG A 146 51.33 -5.06 4.99
CA ARG A 146 51.47 -6.39 4.35
C ARG A 146 51.64 -7.46 5.44
N LYS A 147 52.49 -7.21 6.42
CA LYS A 147 52.75 -8.22 7.47
C LYS A 147 51.48 -8.41 8.31
N MET A 148 50.74 -7.33 8.55
CA MET A 148 49.53 -7.42 9.40
C MET A 148 48.42 -8.18 8.65
N THR A 149 48.40 -8.08 7.31
CA THR A 149 47.38 -8.81 6.53
C THR A 149 47.63 -10.28 6.68
N GLU A 150 48.89 -10.70 6.69
CA GLU A 150 49.25 -12.14 6.79
C GLU A 150 48.91 -12.69 8.19
N GLU A 151 48.91 -11.84 9.21
CA GLU A 151 48.67 -12.31 10.60
C GLU A 151 47.23 -11.98 11.05
N PHE A 152 46.34 -11.68 10.10
CA PHE A 152 44.93 -11.34 10.43
C PHE A 152 44.12 -12.61 10.59
N ASP A 153 44.17 -13.22 11.77
CA ASP A 153 43.36 -14.44 12.03
C ASP A 153 41.89 -14.07 11.78
N GLU A 154 41.15 -14.92 11.07
CA GLU A 154 39.76 -14.53 10.72
C GLU A 154 38.79 -15.71 10.92
N ASP A 155 37.71 -15.50 11.68
CA ASP A 155 36.70 -16.57 11.86
C ASP A 155 35.54 -16.27 10.91
N SER A 156 35.30 -14.97 10.66
CA SER A 156 34.24 -14.57 9.71
C SER A 156 34.69 -13.32 8.95
N GLY A 157 34.05 -13.03 7.82
CA GLY A 157 34.40 -11.81 7.07
C GLY A 157 33.85 -10.61 7.78
N ASP A 158 33.29 -10.83 8.97
CA ASP A 158 32.72 -9.70 9.76
C ASP A 158 33.84 -9.00 10.51
N TYR A 159 33.98 -7.70 10.29
CA TYR A 159 34.98 -6.90 11.05
C TYR A 159 34.20 -6.09 12.07
N PRO A 160 34.80 -5.57 13.15
CA PRO A 160 34.04 -4.89 14.19
C PRO A 160 32.87 -4.02 13.71
N LEU A 161 33.11 -3.09 12.80
CA LEU A 161 32.04 -2.14 12.36
C LEU A 161 30.93 -2.85 11.56
N THR A 162 31.15 -4.08 11.12
CA THR A 162 30.08 -4.83 10.43
C THR A 162 29.34 -5.71 11.43
N MET A 163 30.00 -6.08 12.52
CA MET A 163 29.37 -6.99 13.51
C MET A 163 28.09 -6.35 14.06
N ALA A 164 26.98 -7.11 14.06
CA ALA A 164 25.68 -6.59 14.55
C ALA A 164 25.53 -6.93 16.02
N GLY A 165 24.91 -6.03 16.79
CA GLY A 165 24.76 -6.26 18.24
C GLY A 165 24.94 -4.96 19.02
N PRO A 166 24.43 -4.86 20.26
CA PRO A 166 24.51 -3.62 21.01
C PRO A 166 25.92 -3.34 21.49
N GLN A 167 26.66 -4.39 21.84
CA GLN A 167 28.07 -4.22 22.26
C GLN A 167 28.83 -3.51 21.13
N TRP A 168 28.54 -3.90 19.89
CA TRP A 168 29.29 -3.33 18.74
C TRP A 168 28.74 -1.96 18.34
N LYS A 169 27.47 -1.68 18.65
CA LYS A 169 26.95 -0.30 18.38
C LYS A 169 27.67 0.64 19.35
N LYS A 170 27.88 0.20 20.59
CA LYS A 170 28.65 1.01 21.56
C LYS A 170 30.07 1.20 21.00
N PHE A 171 30.63 0.16 20.40
CA PHE A 171 32.03 0.24 19.90
C PHE A 171 32.15 1.38 18.87
N LYS A 172 31.20 1.50 17.95
CA LYS A 172 31.35 2.55 16.91
C LYS A 172 31.45 3.92 17.57
N SER A 173 30.52 4.24 18.47
CA SER A 173 30.53 5.59 19.11
C SER A 173 31.79 5.76 19.98
N SER A 174 32.24 4.67 20.61
CA SER A 174 33.47 4.73 21.46
C SER A 174 34.69 5.05 20.59
N PHE A 175 34.78 4.44 19.41
CA PHE A 175 35.94 4.67 18.51
C PHE A 175 35.93 6.13 18.07
N CYS A 176 34.78 6.60 17.59
CA CYS A 176 34.69 7.98 17.08
C CYS A 176 35.05 8.95 18.21
N GLU A 177 34.54 8.71 19.41
CA GLU A 177 34.77 9.64 20.55
C GLU A 177 36.26 9.66 20.94
N PHE A 178 36.93 8.52 20.91
CA PHE A 178 38.36 8.46 21.27
C PHE A 178 39.15 9.41 20.37
N ILE A 179 38.86 9.37 19.08
CA ILE A 179 39.57 10.24 18.10
C ILE A 179 39.30 11.71 18.47
N GLY A 180 38.04 12.07 18.66
CA GLY A 180 37.71 13.47 19.02
C GLY A 180 38.42 13.90 20.28
N VAL A 181 38.39 13.07 21.33
CA VAL A 181 38.99 13.46 22.64
C VAL A 181 40.51 13.60 22.49
N LEU A 182 41.15 12.70 21.75
CA LEU A 182 42.62 12.74 21.59
C LEU A 182 43.02 14.11 21.02
N VAL A 183 42.36 14.54 19.94
CA VAL A 183 42.68 15.85 19.31
C VAL A 183 42.34 16.98 20.29
N ARG A 184 41.20 16.89 20.96
CA ARG A 184 40.78 17.98 21.89
C ARG A 184 41.85 18.13 22.98
N GLN A 185 42.35 17.02 23.52
CA GLN A 185 43.34 17.08 24.64
C GLN A 185 44.73 17.48 24.12
N CYS A 186 45.11 17.04 22.93
CA CYS A 186 46.48 17.33 22.41
C CYS A 186 46.44 18.61 21.55
N GLN A 187 45.34 19.36 21.60
CA GLN A 187 45.14 20.55 20.72
C GLN A 187 46.14 21.69 20.93
N TYR A 188 46.71 21.84 22.12
CA TYR A 188 47.56 23.04 22.37
C TYR A 188 49.04 22.75 22.31
N SER A 189 49.47 21.50 22.41
CA SER A 189 50.93 21.24 22.47
C SER A 189 51.37 20.07 21.59
N ILE A 190 50.89 18.86 21.87
CA ILE A 190 51.41 17.66 21.15
C ILE A 190 51.10 17.72 19.65
N ILE A 191 49.91 18.19 19.26
CA ILE A 191 49.53 18.14 17.82
C ILE A 191 50.59 18.85 16.96
N TYR A 192 51.27 19.87 17.48
CA TYR A 192 52.22 20.66 16.66
C TYR A 192 53.61 20.04 16.69
N ASP A 193 53.85 19.09 17.61
CA ASP A 193 55.15 18.37 17.53
C ASP A 193 55.13 17.66 16.17
N GLU A 194 56.26 17.65 15.47
CA GLU A 194 56.22 17.06 14.11
C GLU A 194 56.49 15.55 14.23
N TYR A 195 55.62 14.83 14.94
CA TYR A 195 55.83 13.38 15.15
C TYR A 195 54.49 12.64 15.14
N MET A 196 53.64 12.87 16.15
CA MET A 196 52.39 12.09 16.30
C MET A 196 51.43 12.21 15.10
N MET A 197 50.95 13.42 14.80
CA MET A 197 49.91 13.54 13.74
C MET A 197 50.44 12.99 12.40
N ASP A 198 51.69 13.28 12.07
CA ASP A 198 52.28 12.77 10.81
C ASP A 198 52.24 11.25 10.82
N THR A 199 52.69 10.62 11.91
CA THR A 199 52.68 9.14 12.00
C THR A 199 51.26 8.64 11.81
N VAL A 200 50.29 9.26 12.49
CA VAL A 200 48.87 8.78 12.44
C VAL A 200 48.33 8.96 11.00
N ILE A 201 48.54 10.12 10.39
CA ILE A 201 47.99 10.40 9.04
C ILE A 201 48.65 9.43 8.04
N SER A 202 49.95 9.21 8.17
CA SER A 202 50.67 8.28 7.25
C SER A 202 50.08 6.86 7.36
N LEU A 203 49.91 6.36 8.59
CA LEU A 203 49.34 5.00 8.79
C LEU A 203 47.91 4.97 8.24
N LEU A 204 47.11 5.99 8.55
CA LEU A 204 45.68 5.99 8.12
C LEU A 204 45.60 6.01 6.60
N THR A 205 46.46 6.80 5.94
CA THR A 205 46.43 6.91 4.46
C THR A 205 46.81 5.56 3.85
N GLY A 206 47.80 4.88 4.44
CA GLY A 206 48.22 3.56 3.94
C GLY A 206 47.11 2.53 4.07
N LEU A 207 46.41 2.52 5.19
CA LEU A 207 45.33 1.52 5.43
C LEU A 207 44.07 1.92 4.63
N SER A 208 43.98 3.17 4.18
CA SER A 208 42.83 3.59 3.33
C SER A 208 43.06 3.16 1.87
N ASP A 209 44.25 2.67 1.56
CA ASP A 209 44.54 2.18 0.18
C ASP A 209 44.56 0.66 0.18
N SER A 210 44.37 0.03 1.35
CA SER A 210 44.47 -1.45 1.42
C SER A 210 43.30 -2.10 0.67
N GLN A 211 43.45 -3.36 0.31
CA GLN A 211 42.36 -4.08 -0.42
C GLN A 211 41.48 -4.82 0.61
N VAL A 212 41.90 -4.86 1.88
CA VAL A 212 41.06 -5.49 2.93
C VAL A 212 39.97 -4.49 3.32
N ARG A 213 38.71 -4.90 3.17
CA ARG A 213 37.58 -3.99 3.48
C ARG A 213 37.67 -3.62 4.96
N ALA A 214 38.09 -4.57 5.80
CA ALA A 214 38.16 -4.29 7.25
C ALA A 214 38.99 -3.03 7.46
N PHE A 215 40.24 -3.05 7.00
CA PHE A 215 41.16 -1.91 7.25
C PHE A 215 40.62 -0.64 6.61
N ARG A 216 40.28 -0.71 5.32
CA ARG A 216 39.85 0.50 4.56
C ARG A 216 38.65 1.16 5.23
N HIS A 217 37.57 0.39 5.44
CA HIS A 217 36.38 0.94 6.14
C HIS A 217 36.83 1.61 7.45
N THR A 218 37.59 0.90 8.28
CA THR A 218 37.97 1.44 9.61
C THR A 218 38.88 2.64 9.46
N SER A 219 39.90 2.53 8.60
CA SER A 219 40.88 3.63 8.42
C SER A 219 40.18 4.87 7.83
N THR A 220 39.23 4.65 6.92
CA THR A 220 38.49 5.78 6.34
C THR A 220 37.73 6.47 7.45
N LEU A 221 37.05 5.70 8.31
CA LEU A 221 36.22 6.31 9.37
C LEU A 221 37.13 7.11 10.30
N ALA A 222 38.32 6.59 10.62
CA ALA A 222 39.25 7.28 11.54
C ALA A 222 39.72 8.58 10.92
N ALA A 223 40.14 8.54 9.65
CA ALA A 223 40.65 9.76 8.97
C ALA A 223 39.53 10.79 8.86
N MET A 224 38.33 10.34 8.54
CA MET A 224 37.18 11.26 8.38
C MET A 224 36.91 11.94 9.73
N LYS A 225 36.94 11.16 10.81
CA LYS A 225 36.68 11.72 12.17
C LYS A 225 37.86 12.59 12.61
N LEU A 226 39.08 12.21 12.24
CA LEU A 226 40.26 13.05 12.57
C LEU A 226 40.08 14.43 11.92
N MET A 227 39.61 14.48 10.67
CA MET A 227 39.51 15.79 9.97
C MET A 227 38.39 16.62 10.58
N THR A 228 37.29 16.00 11.00
CA THR A 228 36.22 16.76 11.68
C THR A 228 36.82 17.40 12.90
N ALA A 229 37.64 16.65 13.66
CA ALA A 229 38.29 17.17 14.87
C ALA A 229 39.29 18.26 14.51
N LEU A 230 40.04 18.07 13.41
CA LEU A 230 41.06 19.06 12.99
C LEU A 230 40.34 20.32 12.49
N VAL A 231 39.15 20.17 11.90
CA VAL A 231 38.36 21.35 11.44
C VAL A 231 38.04 22.19 12.69
N ASN A 232 37.74 21.52 13.81
CA ASN A 232 37.39 22.25 15.06
C ASN A 232 38.59 23.08 15.51
N VAL A 233 39.79 22.51 15.48
CA VAL A 233 41.00 23.24 15.94
C VAL A 233 41.24 24.41 14.97
N ALA A 234 40.97 24.23 13.68
CA ALA A 234 41.13 25.32 12.69
C ALA A 234 40.11 26.42 12.98
N LEU A 235 38.87 26.03 13.29
CA LEU A 235 37.83 27.03 13.62
C LEU A 235 38.27 27.79 14.88
N ASN A 236 38.77 27.07 15.88
CA ASN A 236 39.18 27.72 17.16
C ASN A 236 40.40 28.62 16.90
N LEU A 237 41.35 28.15 16.08
CA LEU A 237 42.54 28.95 15.74
C LEU A 237 42.09 30.24 15.02
N SER A 238 41.12 30.12 14.10
CA SER A 238 40.64 31.30 13.35
C SER A 238 40.01 32.31 14.32
N ILE A 239 39.19 31.82 15.25
CA ILE A 239 38.54 32.72 16.25
C ILE A 239 39.63 33.49 17.01
N ASN A 240 40.68 32.79 17.47
CA ASN A 240 41.77 33.43 18.24
C ASN A 240 42.50 34.47 17.38
N MET A 241 42.77 34.15 16.11
CA MET A 241 43.55 35.08 15.26
C MET A 241 42.70 36.34 14.98
N ASP A 242 41.41 36.17 14.73
CA ASP A 242 40.52 37.34 14.51
C ASP A 242 40.51 38.20 15.78
N ASN A 243 40.40 37.55 16.94
CA ASN A 243 40.43 38.30 18.23
C ASN A 243 41.79 38.96 18.39
N THR A 244 42.89 38.22 18.12
CA THR A 244 44.24 38.80 18.22
C THR A 244 44.38 39.95 17.24
N GLN A 245 43.95 39.77 15.99
CA GLN A 245 44.09 40.84 14.96
C GLN A 245 43.29 42.07 15.40
N ARG A 246 42.10 41.86 15.96
CA ARG A 246 41.26 42.99 16.43
C ARG A 246 42.06 43.80 17.46
N GLN A 247 42.75 43.09 18.37
CA GLN A 247 43.55 43.77 19.41
C GLN A 247 44.70 44.56 18.76
N TYR A 248 45.37 43.98 17.76
CA TYR A 248 46.53 44.65 17.13
C TYR A 248 46.09 45.95 16.46
N GLU A 249 44.93 45.93 15.80
CA GLU A 249 44.39 47.18 15.20
C GLU A 249 44.20 48.22 16.30
N ALA A 250 43.57 47.83 17.41
CA ALA A 250 43.35 48.77 18.53
C ALA A 250 44.68 49.32 19.02
N GLU A 251 45.70 48.46 19.14
CA GLU A 251 47.01 48.91 19.68
C GLU A 251 47.59 49.99 18.75
N ARG A 252 47.64 49.72 17.44
CA ARG A 252 48.22 50.69 16.48
C ARG A 252 47.33 51.94 16.48
N ASN A 253 46.02 51.76 16.64
CA ASN A 253 45.11 52.92 16.72
C ASN A 253 45.45 53.74 17.97
N LYS A 254 45.66 53.06 19.11
CA LYS A 254 45.93 53.78 20.38
C LYS A 254 47.37 54.32 20.38
N MET A 255 48.15 54.00 19.35
CA MET A 255 49.54 54.50 19.26
C MET A 255 49.83 54.91 17.80
N ASN A 261 56.27 50.28 22.87
CA ASN A 261 55.15 49.49 23.43
C ASN A 261 55.48 48.00 23.31
N GLU A 262 55.85 47.35 24.41
CA GLU A 262 56.10 45.89 24.37
C GLU A 262 54.78 45.15 24.09
N ARG A 263 53.65 45.81 24.34
CA ARG A 263 52.33 45.18 24.09
C ARG A 263 52.20 44.83 22.61
N LEU A 264 52.58 45.76 21.73
CA LEU A 264 52.52 45.49 20.27
C LEU A 264 53.44 44.31 19.94
N GLU A 265 54.66 44.32 20.50
CA GLU A 265 55.64 43.26 20.18
C GLU A 265 55.09 41.89 20.61
N LEU A 266 54.61 41.79 21.86
CA LEU A 266 54.11 40.49 22.37
C LEU A 266 52.85 40.08 21.59
N LEU A 267 51.95 41.03 21.32
CA LEU A 267 50.74 40.73 20.50
C LEU A 267 51.17 40.26 19.11
N LEU A 268 52.21 40.87 18.55
CA LEU A 268 52.66 40.50 17.17
C LEU A 268 53.23 39.08 17.19
N GLN A 269 53.90 38.70 18.26
CA GLN A 269 54.42 37.31 18.37
C GLN A 269 53.24 36.32 18.38
N LYS A 270 52.16 36.66 19.10
CA LYS A 270 50.96 35.79 19.08
C LYS A 270 50.52 35.59 17.62
N ARG A 271 50.47 36.67 16.85
CA ARG A 271 50.01 36.56 15.44
C ARG A 271 50.92 35.58 14.69
N LYS A 272 52.24 35.77 14.79
CA LYS A 272 53.21 34.88 14.08
C LYS A 272 53.01 33.43 14.53
N GLU A 273 52.91 33.21 15.84
CA GLU A 273 52.77 31.82 16.37
C GLU A 273 51.48 31.20 15.83
N LEU A 274 50.38 31.94 15.85
CA LEU A 274 49.08 31.39 15.40
C LEU A 274 49.13 31.08 13.88
N GLN A 275 49.92 31.83 13.12
CA GLN A 275 50.03 31.60 11.66
C GLN A 275 50.77 30.28 11.41
N GLU A 276 51.86 30.03 12.14
CA GLU A 276 52.61 28.77 12.00
C GLU A 276 51.68 27.61 12.38
N ASN A 277 50.88 27.81 13.42
CA ASN A 277 49.91 26.77 13.86
C ASN A 277 48.84 26.56 12.78
N GLN A 278 48.27 27.63 12.25
CA GLN A 278 47.17 27.50 11.25
C GLN A 278 47.70 26.83 9.99
N ASP A 279 48.92 27.20 9.57
CA ASP A 279 49.55 26.59 8.37
C ASP A 279 49.74 25.09 8.63
N GLU A 280 50.19 24.73 9.83
CA GLU A 280 50.44 23.30 10.16
C GLU A 280 49.11 22.53 10.07
N ILE A 281 48.04 23.09 10.64
CA ILE A 281 46.72 22.38 10.63
C ILE A 281 46.25 22.25 9.18
N GLU A 282 46.37 23.31 8.39
CA GLU A 282 45.88 23.29 6.98
C GLU A 282 46.63 22.20 6.21
N ASN A 283 47.94 22.07 6.44
CA ASN A 283 48.76 21.05 5.75
C ASN A 283 48.25 19.65 6.14
N MET A 284 47.99 19.44 7.42
CA MET A 284 47.47 18.13 7.89
C MET A 284 46.09 17.86 7.25
N MET A 285 45.24 18.88 7.18
CA MET A 285 43.87 18.68 6.64
C MET A 285 43.93 18.35 5.14
N ASN A 286 44.79 19.05 4.40
CA ASN A 286 44.91 18.83 2.93
C ASN A 286 45.43 17.41 2.70
N ALA A 287 46.29 16.92 3.59
CA ALA A 287 46.87 15.57 3.45
C ALA A 287 45.76 14.52 3.56
N ILE A 288 44.83 14.70 4.49
CA ILE A 288 43.70 13.73 4.66
C ILE A 288 42.74 13.86 3.47
N PHE A 289 42.51 15.09 3.00
CA PHE A 289 41.51 15.29 1.90
C PHE A 289 42.07 14.73 0.59
N LYS A 290 43.35 14.95 0.33
CA LYS A 290 43.92 14.53 -0.98
C LYS A 290 44.42 13.08 -0.91
N GLY A 291 44.53 12.50 0.28
CA GLY A 291 45.05 11.13 0.42
C GLY A 291 43.95 10.12 0.66
N VAL A 292 42.83 10.55 1.26
CA VAL A 292 41.75 9.59 1.61
C VAL A 292 40.42 10.00 0.95
N PHE A 293 39.94 11.22 1.19
CA PHE A 293 38.60 11.62 0.67
C PHE A 293 38.57 11.58 -0.86
N VAL A 294 39.58 12.18 -1.50
CA VAL A 294 39.57 12.27 -2.99
C VAL A 294 39.39 10.88 -3.60
N HIS A 295 39.88 9.84 -2.93
CA HIS A 295 39.84 8.49 -3.53
C HIS A 295 38.67 7.66 -2.98
N ARG A 296 38.30 7.84 -1.72
CA ARG A 296 37.26 6.97 -1.10
C ARG A 296 35.82 7.44 -1.41
N TYR A 297 35.64 8.66 -1.93
CA TYR A 297 34.27 9.09 -2.32
C TYR A 297 33.84 8.29 -3.57
N ARG A 298 34.81 7.61 -4.19
CA ARG A 298 34.51 6.80 -5.41
C ARG A 298 34.74 5.32 -5.09
N ASP A 299 34.59 4.92 -3.83
CA ASP A 299 34.88 3.51 -3.44
C ASP A 299 33.78 2.61 -4.00
N ALA A 300 34.13 1.37 -4.33
CA ALA A 300 33.15 0.41 -4.87
C ALA A 300 32.08 0.13 -3.81
N ILE A 301 32.51 -0.06 -2.56
CA ILE A 301 31.54 -0.32 -1.44
C ILE A 301 30.79 0.98 -1.11
N ALA A 302 29.46 0.95 -1.13
CA ALA A 302 28.63 2.15 -0.87
C ALA A 302 28.80 2.63 0.57
N GLU A 303 29.10 1.72 1.49
CA GLU A 303 29.19 2.08 2.92
C GLU A 303 30.31 3.11 3.10
N ILE A 304 31.46 2.86 2.48
CA ILE A 304 32.63 3.78 2.60
C ILE A 304 32.28 5.12 1.93
N ARG A 305 31.56 5.07 0.81
CA ARG A 305 31.21 6.31 0.07
C ARG A 305 30.29 7.18 0.97
N ALA A 306 29.31 6.57 1.62
CA ALA A 306 28.37 7.30 2.48
C ALA A 306 29.09 7.94 3.68
N ILE A 307 30.11 7.27 4.21
CA ILE A 307 30.90 7.83 5.35
C ILE A 307 31.52 9.16 4.89
N CYS A 308 32.16 9.16 3.71
CA CYS A 308 32.83 10.38 3.19
C CYS A 308 31.79 11.49 2.93
N ILE A 309 30.63 11.14 2.37
CA ILE A 309 29.62 12.18 2.02
C ILE A 309 29.07 12.79 3.32
N GLU A 310 28.82 11.96 4.32
CA GLU A 310 28.30 12.45 5.62
C GLU A 310 29.29 13.46 6.21
N GLU A 311 30.57 13.12 6.20
CA GLU A 311 31.59 14.00 6.84
C GLU A 311 31.72 15.33 6.06
N ILE A 312 31.59 15.30 4.74
CA ILE A 312 31.79 16.56 3.97
C ILE A 312 30.71 17.55 4.39
N GLY A 313 29.48 17.07 4.63
CA GLY A 313 28.40 17.95 5.09
C GLY A 313 28.75 18.58 6.42
N ILE A 314 29.30 17.79 7.34
CA ILE A 314 29.62 18.29 8.70
C ILE A 314 30.68 19.40 8.57
N TRP A 315 31.72 19.17 7.76
CA TRP A 315 32.83 20.15 7.64
C TRP A 315 32.31 21.47 7.08
N MET A 316 31.50 21.41 6.02
CA MET A 316 31.07 22.69 5.38
C MET A 316 30.05 23.39 6.29
N LYS A 317 29.33 22.66 7.13
CA LYS A 317 28.41 23.32 8.10
C LYS A 317 29.25 23.93 9.22
N MET A 318 30.29 23.22 9.69
CA MET A 318 31.16 23.71 10.79
C MET A 318 31.98 24.92 10.34
N TYR A 319 32.80 24.73 9.30
CA TYR A 319 33.69 25.84 8.82
C TYR A 319 33.31 26.14 7.37
N SER A 320 32.24 26.91 7.19
CA SER A 320 31.75 27.24 5.83
C SER A 320 32.70 28.23 5.15
N ASP A 321 33.38 29.06 5.94
CA ASP A 321 34.25 30.12 5.36
C ASP A 321 35.47 29.51 4.66
N ALA A 322 35.77 28.23 4.94
CA ALA A 322 36.90 27.57 4.24
C ALA A 322 36.47 26.26 3.56
N PHE A 323 35.19 25.87 3.66
CA PHE A 323 34.81 24.54 3.10
C PHE A 323 33.53 24.61 2.25
N LEU A 324 32.91 25.78 2.08
CA LEU A 324 31.63 25.85 1.31
C LEU A 324 31.91 26.43 -0.08
N ASN A 325 33.12 26.23 -0.59
CA ASN A 325 33.44 26.70 -1.96
C ASN A 325 32.96 25.62 -2.93
N ASP A 326 32.98 25.91 -4.24
CA ASP A 326 32.43 24.93 -5.22
C ASP A 326 33.42 23.76 -5.38
N SER A 327 34.69 23.96 -5.01
CA SER A 327 35.73 22.91 -5.16
C SER A 327 35.47 21.75 -4.20
N TYR A 328 34.64 21.96 -3.18
CA TYR A 328 34.27 20.88 -2.24
C TYR A 328 32.85 20.41 -2.56
N LEU A 329 31.99 21.36 -2.97
CA LEU A 329 30.56 21.05 -3.26
C LEU A 329 30.43 20.21 -4.54
N LYS A 330 31.43 20.27 -5.41
CA LYS A 330 31.39 19.51 -6.69
C LYS A 330 31.23 18.00 -6.40
N TYR A 331 31.80 17.53 -5.30
CA TYR A 331 31.75 16.08 -4.97
C TYR A 331 30.32 15.67 -4.64
N VAL A 332 29.57 16.53 -3.95
CA VAL A 332 28.16 16.21 -3.56
C VAL A 332 27.29 16.12 -4.82
N GLY A 333 27.50 17.04 -5.77
CA GLY A 333 26.69 17.05 -7.01
C GLY A 333 26.87 15.78 -7.79
N TRP A 334 28.11 15.30 -7.91
CA TRP A 334 28.39 14.06 -8.69
C TRP A 334 27.78 12.85 -7.99
N THR A 335 27.85 12.80 -6.65
CA THR A 335 27.33 11.64 -5.90
C THR A 335 25.82 11.65 -5.84
N MET A 336 25.17 12.77 -6.14
CA MET A 336 23.67 12.77 -6.21
C MET A 336 23.23 11.84 -7.34
N HIS A 337 24.11 11.60 -8.32
CA HIS A 337 23.79 10.70 -9.46
C HIS A 337 24.23 9.27 -9.16
N ASP A 338 24.34 8.90 -7.87
CA ASP A 338 24.85 7.55 -7.49
C ASP A 338 23.73 6.52 -7.71
N LYS A 339 24.13 5.29 -8.01
CA LYS A 339 23.13 4.21 -8.26
C LYS A 339 22.53 3.78 -6.91
N GLN A 340 23.33 3.78 -5.83
CA GLN A 340 22.83 3.32 -4.52
C GLN A 340 22.10 4.47 -3.80
N GLY A 341 20.91 4.21 -3.27
CA GLY A 341 20.10 5.26 -2.62
C GLY A 341 20.57 5.63 -1.24
N GLU A 342 21.29 4.75 -0.56
CA GLU A 342 21.85 5.13 0.76
C GLU A 342 22.78 6.33 0.55
N VAL A 343 23.63 6.27 -0.47
CA VAL A 343 24.62 7.36 -0.70
C VAL A 343 23.86 8.63 -1.15
N ARG A 344 22.80 8.46 -1.94
CA ARG A 344 21.99 9.62 -2.40
C ARG A 344 21.32 10.28 -1.18
N LEU A 345 20.80 9.46 -0.25
CA LEU A 345 20.16 10.02 0.98
C LEU A 345 21.18 10.88 1.72
N LYS A 346 22.41 10.39 1.87
CA LYS A 346 23.46 11.14 2.61
C LYS A 346 23.72 12.48 1.92
N CYS A 347 23.76 12.51 0.58
CA CYS A 347 23.97 13.76 -0.18
C CYS A 347 22.84 14.75 0.13
N LEU A 348 21.60 14.30 0.06
CA LEU A 348 20.43 15.17 0.34
C LEU A 348 20.50 15.69 1.80
N THR A 349 20.79 14.80 2.75
CA THR A 349 20.85 15.19 4.18
C THR A 349 21.96 16.21 4.35
N ALA A 350 23.11 15.98 3.70
CA ALA A 350 24.25 16.92 3.79
C ALA A 350 23.84 18.30 3.24
N LEU A 351 23.03 18.33 2.19
CA LEU A 351 22.66 19.62 1.56
C LEU A 351 21.55 20.31 2.38
N GLN A 352 20.68 19.53 3.04
CA GLN A 352 19.63 20.13 3.90
C GLN A 352 20.31 20.86 5.07
N GLY A 353 21.39 20.28 5.62
CA GLY A 353 22.12 20.91 6.73
C GLY A 353 22.64 22.29 6.36
N LEU A 354 22.98 22.48 5.08
CA LEU A 354 23.53 23.78 4.62
C LEU A 354 22.39 24.79 4.41
N TYR A 355 21.18 24.33 4.09
CA TYR A 355 20.05 25.26 3.80
C TYR A 355 19.31 25.65 5.08
N TYR A 356 19.57 24.96 6.20
CA TYR A 356 18.97 25.38 7.49
C TYR A 356 19.45 26.79 7.84
N ASN A 357 20.73 27.10 7.54
CA ASN A 357 21.25 28.48 7.75
C ASN A 357 20.95 29.31 6.52
N LYS A 358 20.15 30.37 6.64
CA LYS A 358 19.75 31.17 5.45
C LYS A 358 20.91 32.08 5.01
N GLU A 359 21.83 32.40 5.92
CA GLU A 359 22.98 33.26 5.59
C GLU A 359 23.81 32.60 4.48
N LEU A 360 24.10 31.30 4.61
CA LEU A 360 24.94 30.58 3.64
C LEU A 360 24.15 30.41 2.33
N ASN A 361 23.89 31.51 1.62
CA ASN A 361 23.02 31.43 0.42
C ASN A 361 23.81 31.81 -0.83
N SER A 362 24.63 32.86 -0.75
CA SER A 362 25.36 33.35 -1.94
C SER A 362 26.25 32.23 -2.48
N LYS A 363 26.83 31.43 -1.59
CA LYS A 363 27.75 30.34 -2.00
C LYS A 363 26.97 29.20 -2.67
N LEU A 364 25.85 28.77 -2.09
CA LEU A 364 25.07 27.62 -2.62
C LEU A 364 24.24 28.01 -3.84
N GLU A 365 24.20 29.29 -4.21
CA GLU A 365 23.32 29.75 -5.32
C GLU A 365 23.73 29.11 -6.65
N LEU A 366 25.01 29.14 -7.00
CA LEU A 366 25.49 28.60 -8.30
C LEU A 366 25.25 27.08 -8.33
N PHE A 367 25.45 26.41 -7.20
CA PHE A 367 25.27 24.93 -7.12
C PHE A 367 23.80 24.59 -7.31
N THR A 368 22.91 25.36 -6.68
CA THR A 368 21.46 25.10 -6.82
C THR A 368 21.10 25.23 -8.27
N SER A 369 21.61 26.27 -8.93
CA SER A 369 21.28 26.50 -10.35
C SER A 369 21.70 25.28 -11.18
N ARG A 370 22.89 24.74 -10.95
CA ARG A 370 23.39 23.62 -11.80
C ARG A 370 22.63 22.31 -11.50
N PHE A 371 22.28 22.04 -10.24
CA PHE A 371 21.68 20.72 -9.91
C PHE A 371 20.19 20.81 -9.52
N LYS A 372 19.53 21.95 -9.76
CA LYS A 372 18.06 22.05 -9.47
C LYS A 372 17.33 20.94 -10.24
N ASP A 373 17.73 20.68 -11.48
CA ASP A 373 17.03 19.69 -12.33
C ASP A 373 17.10 18.30 -11.66
N ARG A 374 18.29 17.89 -11.21
CA ARG A 374 18.45 16.54 -10.61
C ARG A 374 17.59 16.45 -9.33
N ILE A 375 17.50 17.53 -8.56
CA ILE A 375 16.75 17.44 -7.27
C ILE A 375 15.26 17.20 -7.58
N VAL A 376 14.73 17.91 -8.56
CA VAL A 376 13.29 17.74 -8.94
C VAL A 376 13.11 16.31 -9.49
N SER A 377 14.13 15.78 -10.16
CA SER A 377 14.07 14.40 -10.71
C SER A 377 14.10 13.38 -9.56
N MET A 378 14.80 13.71 -8.48
CA MET A 378 14.92 12.79 -7.32
C MET A 378 13.61 12.74 -6.52
N THR A 379 12.66 13.64 -6.81
CA THR A 379 11.34 13.55 -6.15
C THR A 379 10.67 12.26 -6.60
N LEU A 380 10.78 11.93 -7.88
CA LEU A 380 10.24 10.63 -8.37
C LEU A 380 11.35 9.58 -8.34
N ASP A 381 11.91 9.29 -7.17
CA ASP A 381 13.04 8.34 -7.06
C ASP A 381 12.48 6.93 -6.80
N LYS A 382 13.22 5.90 -7.23
CA LYS A 382 12.78 4.51 -6.97
C LYS A 382 12.70 4.31 -5.46
N GLU A 383 13.71 4.76 -4.72
CA GLU A 383 13.64 4.68 -3.23
C GLU A 383 12.77 5.85 -2.75
N TYR A 384 11.70 5.55 -2.01
CA TYR A 384 10.77 6.60 -1.55
C TYR A 384 11.44 7.47 -0.48
N ASP A 385 12.36 6.89 0.28
CA ASP A 385 13.02 7.65 1.39
C ASP A 385 13.80 8.82 0.78
N VAL A 386 14.55 8.55 -0.29
CA VAL A 386 15.30 9.64 -0.99
C VAL A 386 14.30 10.67 -1.52
N ALA A 387 13.17 10.21 -2.05
CA ALA A 387 12.11 11.11 -2.56
C ALA A 387 11.65 12.06 -1.46
N VAL A 388 11.38 11.51 -0.27
CA VAL A 388 10.88 12.36 0.85
C VAL A 388 11.91 13.46 1.10
N GLN A 389 13.20 13.10 1.16
CA GLN A 389 14.28 14.08 1.47
C GLN A 389 14.44 15.11 0.34
N ALA A 390 14.25 14.71 -0.92
CA ALA A 390 14.35 15.67 -2.05
C ALA A 390 13.26 16.74 -1.94
N ILE A 391 12.03 16.32 -1.63
CA ILE A 391 10.92 17.32 -1.47
C ILE A 391 11.27 18.20 -0.27
N LYS A 392 11.82 17.60 0.78
CA LYS A 392 12.19 18.36 2.00
C LYS A 392 13.26 19.41 1.64
N LEU A 393 14.25 19.02 0.82
CA LEU A 393 15.35 19.95 0.44
C LEU A 393 14.79 21.05 -0.47
N LEU A 394 13.84 20.73 -1.35
CA LEU A 394 13.24 21.75 -2.24
C LEU A 394 12.44 22.74 -1.38
N THR A 395 11.83 22.26 -0.30
CA THR A 395 11.10 23.16 0.62
C THR A 395 12.11 24.10 1.25
N LEU A 396 13.28 23.57 1.61
CA LEU A 396 14.35 24.41 2.22
C LEU A 396 14.86 25.41 1.18
N VAL A 397 14.99 24.98 -0.08
CA VAL A 397 15.42 25.91 -1.17
C VAL A 397 14.34 27.00 -1.33
N LEU A 398 13.07 26.61 -1.32
CA LEU A 398 11.97 27.60 -1.50
C LEU A 398 12.10 28.69 -0.43
N GLN A 399 12.49 28.32 0.79
CA GLN A 399 12.56 29.32 1.90
C GLN A 399 13.70 30.30 1.64
N SER A 400 14.88 29.81 1.25
CA SER A 400 16.05 30.70 1.05
C SER A 400 15.90 31.53 -0.23
N SER A 401 15.65 30.88 -1.36
CA SER A 401 15.47 31.60 -2.64
C SER A 401 14.31 30.94 -3.42
N GLU A 402 13.28 31.71 -3.76
CA GLU A 402 12.10 31.10 -4.42
C GLU A 402 12.24 31.13 -5.95
N GLU A 403 12.92 32.13 -6.50
CA GLU A 403 13.01 32.29 -7.97
C GLU A 403 13.70 31.10 -8.64
N VAL A 404 14.60 30.40 -7.94
CA VAL A 404 15.39 29.31 -8.59
C VAL A 404 14.44 28.28 -9.21
N LEU A 405 13.40 27.86 -8.49
CA LEU A 405 12.52 26.79 -9.02
C LEU A 405 11.48 27.41 -9.97
N THR A 406 11.40 26.89 -11.19
CA THR A 406 10.42 27.40 -12.18
C THR A 406 9.09 26.75 -11.91
N ALA A 407 8.01 27.32 -12.43
CA ALA A 407 6.65 26.80 -12.18
C ALA A 407 6.55 25.34 -12.62
N GLU A 408 7.16 25.00 -13.77
CA GLU A 408 7.06 23.61 -14.30
C GLU A 408 7.61 22.65 -13.24
N ASP A 409 8.78 22.98 -12.67
CA ASP A 409 9.40 22.11 -11.63
C ASP A 409 8.45 22.00 -10.44
N CYS A 410 7.93 23.14 -9.98
CA CYS A 410 7.00 23.14 -8.83
C CYS A 410 5.77 22.29 -9.14
N GLU A 411 5.33 22.27 -10.40
CA GLU A 411 4.10 21.53 -10.79
C GLU A 411 4.30 20.04 -10.58
N ASN A 412 5.49 19.54 -10.93
CA ASN A 412 5.78 18.08 -10.77
C ASN A 412 5.60 17.73 -9.29
N VAL A 413 6.08 18.60 -8.40
CA VAL A 413 6.00 18.33 -6.93
C VAL A 413 4.54 18.41 -6.45
N TYR A 414 3.74 19.30 -7.04
CA TYR A 414 2.29 19.43 -6.67
C TYR A 414 1.55 18.14 -7.01
N HIS A 415 1.99 17.42 -8.06
CA HIS A 415 1.31 16.17 -8.48
C HIS A 415 1.59 15.04 -7.48
N LEU A 416 2.54 15.26 -6.57
CA LEU A 416 2.92 14.20 -5.60
C LEU A 416 1.93 14.16 -4.41
N VAL A 417 1.02 15.14 -4.33
CA VAL A 417 0.01 15.17 -3.23
C VAL A 417 -0.91 13.94 -3.39
N TYR A 418 -1.18 13.54 -4.63
CA TYR A 418 -2.12 12.42 -4.88
C TYR A 418 -1.36 11.10 -4.92
N SER A 419 -0.21 11.02 -4.25
CA SER A 419 0.63 9.80 -4.27
C SER A 419 0.02 8.69 -3.40
N ALA A 420 0.49 7.46 -3.56
CA ALA A 420 -0.05 6.31 -2.80
C ALA A 420 0.74 6.18 -1.50
N HIS A 421 1.92 6.78 -1.46
CA HIS A 421 2.77 6.73 -0.24
C HIS A 421 2.53 8.00 0.56
N ARG A 422 1.97 7.84 1.77
CA ARG A 422 1.64 9.02 2.62
C ARG A 422 2.92 9.82 2.92
N PRO A 423 4.06 9.21 3.31
CA PRO A 423 5.23 10.00 3.63
C PRO A 423 5.61 11.01 2.54
N VAL A 424 5.65 10.57 1.28
CA VAL A 424 5.99 11.48 0.14
C VAL A 424 4.85 12.49 -0.07
N ALA A 425 3.60 12.04 0.04
CA ALA A 425 2.43 12.94 -0.13
C ALA A 425 2.41 14.02 0.95
N VAL A 426 2.77 13.63 2.18
CA VAL A 426 2.80 14.61 3.31
C VAL A 426 3.91 15.62 3.03
N ALA A 427 5.05 15.15 2.51
CA ALA A 427 6.18 16.05 2.19
C ALA A 427 5.77 17.01 1.06
N ALA A 428 5.00 16.52 0.09
CA ALA A 428 4.53 17.35 -1.03
C ALA A 428 3.47 18.34 -0.52
N GLY A 429 2.64 17.91 0.42
CA GLY A 429 1.64 18.81 1.02
C GLY A 429 2.33 19.98 1.69
N GLU A 430 3.46 19.74 2.36
CA GLU A 430 4.21 20.83 3.02
C GLU A 430 4.72 21.81 1.95
N PHE A 431 5.23 21.29 0.83
CA PHE A 431 5.73 22.16 -0.27
C PHE A 431 4.57 22.99 -0.83
N LEU A 432 3.39 22.38 -1.00
CA LEU A 432 2.22 23.10 -1.55
C LEU A 432 1.76 24.15 -0.54
N TYR A 433 1.82 23.82 0.75
CA TYR A 433 1.39 24.77 1.81
C TYR A 433 2.33 25.97 1.77
N LYS A 434 3.64 25.70 1.69
CA LYS A 434 4.62 26.82 1.77
C LYS A 434 4.68 27.61 0.46
N LYS A 435 4.08 27.09 -0.61
CA LYS A 435 4.19 27.78 -1.92
C LYS A 435 2.91 28.57 -2.21
N LEU A 436 1.73 27.94 -2.04
CA LEU A 436 0.48 28.65 -2.42
C LEU A 436 -0.34 29.09 -1.18
N PHE A 437 -0.18 28.41 -0.05
CA PHE A 437 -1.08 28.71 1.11
C PHE A 437 -0.34 29.46 2.24
N SER A 438 0.75 28.91 2.78
CA SER A 438 1.43 29.54 3.94
C SER A 438 1.72 31.01 3.63
N ARG A 439 2.15 31.30 2.41
CA ARG A 439 2.54 32.69 2.06
C ARG A 439 1.51 33.67 2.65
N ARG A 440 0.22 33.36 2.56
CA ARG A 440 -0.85 34.25 3.08
C ARG A 440 -0.41 35.71 2.92
N ARG A 450 -13.20 39.08 11.28
CA ARG A 450 -14.15 38.99 10.15
C ARG A 450 -14.65 37.55 10.02
N ARG A 451 -15.91 37.37 9.64
CA ARG A 451 -16.48 36.00 9.58
C ARG A 451 -17.18 35.77 8.24
N GLY A 452 -17.06 34.57 7.68
CA GLY A 452 -17.79 34.24 6.45
C GLY A 452 -16.93 34.37 5.20
N ARG A 453 -17.51 34.86 4.11
CA ARG A 453 -16.76 35.05 2.85
C ARG A 453 -15.65 36.08 3.08
N GLN A 454 -15.76 36.84 4.18
CA GLN A 454 -14.76 37.90 4.46
C GLN A 454 -13.73 37.32 5.43
N GLY A 455 -13.94 36.09 5.88
CA GLY A 455 -13.03 35.46 6.85
C GLY A 455 -11.62 35.38 6.32
N PRO A 456 -10.60 35.28 7.18
CA PRO A 456 -9.21 35.30 6.71
C PRO A 456 -8.82 34.10 5.87
N ASN A 457 -9.52 32.98 6.00
CA ASN A 457 -9.13 31.74 5.28
C ASN A 457 -10.00 31.53 4.03
N ALA A 458 -10.90 32.47 3.73
CA ALA A 458 -11.77 32.36 2.53
C ALA A 458 -10.91 32.26 1.28
N ASN A 459 -9.93 33.15 1.14
CA ASN A 459 -9.08 33.18 -0.07
C ASN A 459 -8.32 31.85 -0.18
N LEU A 460 -7.88 31.29 0.95
CA LEU A 460 -7.11 30.03 0.95
C LEU A 460 -8.04 28.85 0.61
N VAL A 461 -9.32 28.93 0.99
CA VAL A 461 -10.30 27.85 0.63
C VAL A 461 -10.52 27.93 -0.88
N LYS A 462 -10.73 29.13 -1.41
CA LYS A 462 -10.94 29.29 -2.87
C LYS A 462 -9.68 28.82 -3.60
N THR A 463 -8.51 29.11 -3.05
CA THR A 463 -7.23 28.70 -3.69
C THR A 463 -7.15 27.20 -3.77
N LEU A 464 -7.52 26.50 -2.69
CA LEU A 464 -7.49 25.01 -2.66
C LEU A 464 -8.49 24.43 -3.68
N VAL A 465 -9.69 25.02 -3.76
CA VAL A 465 -10.71 24.55 -4.75
C VAL A 465 -10.14 24.72 -6.16
N PHE A 466 -9.51 25.87 -6.43
CA PHE A 466 -8.96 26.15 -7.78
C PHE A 466 -7.90 25.11 -8.12
N PHE A 467 -7.09 24.72 -7.12
CA PHE A 467 -5.99 23.74 -7.35
C PHE A 467 -6.56 22.38 -7.70
N PHE A 468 -7.57 21.92 -6.94
CA PHE A 468 -8.19 20.59 -7.20
C PHE A 468 -8.73 20.54 -8.61
N LEU A 469 -9.35 21.64 -9.05
CA LEU A 469 -9.96 21.70 -10.40
C LEU A 469 -8.88 21.76 -11.50
N GLU A 470 -7.78 22.47 -11.27
CA GLU A 470 -6.73 22.62 -12.30
C GLU A 470 -5.86 21.34 -12.33
N SER A 471 -6.05 20.42 -11.39
CA SER A 471 -5.29 19.14 -11.39
C SER A 471 -6.25 17.98 -11.69
N GLU A 472 -6.30 17.53 -12.95
CA GLU A 472 -7.26 16.48 -13.34
C GLU A 472 -6.70 15.08 -13.09
N LEU A 473 -5.90 14.91 -12.03
CA LEU A 473 -5.35 13.57 -11.68
C LEU A 473 -6.40 12.79 -10.85
N HIS A 474 -7.12 13.49 -9.97
CA HIS A 474 -8.17 12.84 -9.13
C HIS A 474 -9.50 13.58 -9.25
N GLU A 475 -10.62 12.87 -9.11
CA GLU A 475 -11.97 13.49 -9.19
C GLU A 475 -12.53 13.68 -7.77
N HIS A 476 -11.91 13.04 -6.76
CA HIS A 476 -12.33 13.25 -5.35
C HIS A 476 -11.19 13.97 -4.62
N ALA A 477 -11.45 14.53 -3.44
CA ALA A 477 -10.42 15.33 -2.74
C ALA A 477 -9.86 14.59 -1.51
N ALA A 478 -10.21 13.32 -1.34
CA ALA A 478 -9.78 12.58 -0.12
C ALA A 478 -8.26 12.64 0.07
N TYR A 479 -7.50 12.36 -0.98
CA TYR A 479 -6.02 12.28 -0.82
C TYR A 479 -5.40 13.68 -0.67
N LEU A 480 -5.95 14.69 -1.37
CA LEU A 480 -5.45 16.08 -1.20
C LEU A 480 -5.62 16.48 0.26
N VAL A 481 -6.80 16.19 0.84
CA VAL A 481 -7.07 16.57 2.26
C VAL A 481 -6.13 15.80 3.20
N ASP A 482 -5.97 14.49 2.99
CA ASP A 482 -5.13 13.68 3.90
C ASP A 482 -3.68 14.19 3.85
N SER A 483 -3.19 14.50 2.66
CA SER A 483 -1.79 14.95 2.50
C SER A 483 -1.58 16.29 3.22
N MET A 484 -2.54 17.19 3.12
CA MET A 484 -2.37 18.56 3.71
C MET A 484 -3.02 18.66 5.09
N TRP A 485 -3.33 17.53 5.72
CA TRP A 485 -4.04 17.56 7.03
C TRP A 485 -3.14 18.04 8.16
N ASP A 486 -1.90 17.53 8.25
CA ASP A 486 -1.02 17.86 9.40
C ASP A 486 -0.45 19.27 9.25
N CYS A 487 -0.68 19.94 8.11
CA CYS A 487 -0.08 21.27 7.88
C CYS A 487 -1.16 22.36 7.84
N ALA A 488 -2.30 22.10 7.20
CA ALA A 488 -3.35 23.13 7.05
C ALA A 488 -4.59 22.79 7.89
N THR A 489 -4.38 22.40 9.15
CA THR A 489 -5.50 21.98 10.03
C THR A 489 -6.46 23.14 10.23
N GLU A 490 -5.94 24.35 10.43
CA GLU A 490 -6.80 25.53 10.63
C GLU A 490 -7.69 25.70 9.39
N LEU A 491 -7.10 25.71 8.20
CA LEU A 491 -7.89 25.95 6.98
C LEU A 491 -8.88 24.79 6.78
N LEU A 492 -8.41 23.56 6.93
CA LEU A 492 -9.30 22.39 6.65
C LEU A 492 -10.46 22.33 7.65
N LYS A 493 -10.21 22.67 8.92
CA LYS A 493 -11.27 22.56 9.95
C LYS A 493 -12.07 23.88 10.08
N ASP A 494 -11.82 24.86 9.20
CA ASP A 494 -12.62 26.12 9.21
C ASP A 494 -13.89 25.88 8.39
N TRP A 495 -14.89 25.23 9.00
CA TRP A 495 -16.11 24.86 8.25
C TRP A 495 -17.11 26.01 8.16
N GLU A 496 -16.98 27.04 9.01
CA GLU A 496 -17.88 28.22 8.92
C GLU A 496 -17.61 28.96 7.60
N CYS A 497 -16.34 29.16 7.26
CA CYS A 497 -15.96 29.83 6.00
C CYS A 497 -16.46 29.01 4.80
N MET A 498 -16.22 27.70 4.83
CA MET A 498 -16.65 26.82 3.72
C MET A 498 -18.18 26.89 3.59
N ASN A 499 -18.88 26.87 4.72
CA ASN A 499 -20.37 26.90 4.70
C ASN A 499 -20.85 28.28 4.23
N SER A 500 -20.13 29.34 4.58
CA SER A 500 -20.51 30.73 4.17
C SER A 500 -20.26 30.93 2.67
N LEU A 501 -19.23 30.27 2.12
CA LEU A 501 -18.97 30.37 0.66
C LEU A 501 -20.09 29.66 -0.10
N LEU A 502 -20.68 28.62 0.50
CA LEU A 502 -21.74 27.84 -0.18
C LEU A 502 -23.12 28.45 0.06
N LEU A 503 -23.34 29.10 1.21
CA LEU A 503 -24.71 29.59 1.52
C LEU A 503 -24.83 31.12 1.42
N GLU A 504 -23.80 31.87 1.83
CA GLU A 504 -23.91 33.36 1.84
C GLU A 504 -23.73 33.94 0.43
N GLU A 505 -24.21 35.17 0.21
CA GLU A 505 -24.20 35.78 -1.15
C GLU A 505 -22.88 36.51 -1.40
N PRO A 506 -22.42 36.60 -2.66
CA PRO A 506 -21.13 37.21 -2.95
C PRO A 506 -21.05 38.67 -2.57
N LEU A 507 -19.97 39.07 -1.91
CA LEU A 507 -19.76 40.49 -1.55
C LEU A 507 -19.56 41.28 -2.86
N SER A 508 -19.83 42.58 -2.84
CA SER A 508 -19.60 43.42 -4.04
C SER A 508 -18.10 43.40 -4.37
N GLY A 509 -17.75 43.00 -5.59
CA GLY A 509 -16.34 42.93 -6.00
C GLY A 509 -15.83 41.51 -6.03
N GLU A 510 -16.53 40.60 -5.34
CA GLU A 510 -16.13 39.17 -5.32
C GLU A 510 -16.91 38.42 -6.42
N GLU A 511 -16.19 37.74 -7.33
CA GLU A 511 -16.86 36.95 -8.38
C GLU A 511 -17.42 35.67 -7.77
N ALA A 512 -18.59 35.22 -8.25
CA ALA A 512 -19.25 34.04 -7.64
C ALA A 512 -18.50 32.76 -8.01
N LEU A 513 -18.80 31.68 -7.28
CA LEU A 513 -18.19 30.38 -7.61
C LEU A 513 -19.09 29.68 -8.64
N THR A 514 -18.48 29.03 -9.63
CA THR A 514 -19.27 28.33 -10.68
C THR A 514 -19.79 27.04 -10.09
N ASP A 515 -20.70 26.37 -10.79
CA ASP A 515 -21.30 25.12 -10.25
C ASP A 515 -20.18 24.12 -10.01
N ARG A 516 -19.19 24.10 -10.89
CA ARG A 516 -18.06 23.15 -10.77
C ARG A 516 -17.28 23.48 -9.50
N GLN A 517 -17.07 24.77 -9.22
CA GLN A 517 -16.30 25.20 -8.03
C GLN A 517 -17.10 24.87 -6.76
N GLU A 518 -18.43 25.02 -6.83
CA GLU A 518 -19.30 24.72 -5.66
C GLU A 518 -19.31 23.21 -5.40
N SER A 519 -19.39 22.42 -6.47
CA SER A 519 -19.36 20.94 -6.33
C SER A 519 -18.01 20.54 -5.72
N ALA A 520 -16.94 21.21 -6.13
CA ALA A 520 -15.58 20.92 -5.61
C ALA A 520 -15.51 21.21 -4.11
N LEU A 521 -16.09 22.34 -3.68
CA LEU A 521 -16.06 22.73 -2.24
C LEU A 521 -16.82 21.69 -1.40
N ILE A 522 -17.94 21.19 -1.91
CA ILE A 522 -18.76 20.21 -1.12
C ILE A 522 -17.94 18.93 -0.97
N GLU A 523 -17.21 18.54 -2.02
CA GLU A 523 -16.35 17.34 -1.94
C GLU A 523 -15.26 17.59 -0.88
N ILE A 524 -14.67 18.79 -0.88
CA ILE A 524 -13.56 19.10 0.07
C ILE A 524 -14.11 19.14 1.51
N MET A 525 -15.28 19.76 1.71
CA MET A 525 -15.88 19.86 3.07
C MET A 525 -16.21 18.45 3.60
N LEU A 526 -16.86 17.62 2.78
CA LEU A 526 -17.27 16.27 3.25
C LEU A 526 -15.99 15.52 3.67
N CYS A 527 -14.91 15.70 2.90
CA CYS A 527 -13.64 14.98 3.19
C CYS A 527 -13.03 15.49 4.50
N THR A 528 -13.02 16.79 4.73
CA THR A 528 -12.49 17.34 5.99
C THR A 528 -13.33 16.83 7.15
N ILE A 529 -14.66 16.83 6.99
CA ILE A 529 -15.56 16.41 8.09
C ILE A 529 -15.31 14.93 8.42
N ARG A 530 -15.15 14.11 7.38
CA ARG A 530 -14.95 12.65 7.59
C ARG A 530 -13.66 12.40 8.38
N GLN A 531 -12.54 13.01 7.96
CA GLN A 531 -11.23 12.73 8.63
C GLN A 531 -11.26 13.27 10.07
N ALA A 532 -11.95 14.40 10.30
CA ALA A 532 -12.08 14.95 11.66
C ALA A 532 -12.91 14.02 12.54
N ALA A 533 -14.09 13.61 12.04
CA ALA A 533 -15.00 12.74 12.82
C ALA A 533 -14.42 11.34 12.98
N GLU A 534 -13.97 10.73 11.89
CA GLU A 534 -13.29 9.40 12.02
C GLU A 534 -11.79 9.68 11.84
N CYS A 535 -11.04 9.71 12.95
CA CYS A 535 -9.61 10.09 12.88
C CYS A 535 -8.76 8.99 12.23
N HIS A 536 -9.10 8.58 11.02
CA HIS A 536 -8.27 7.57 10.30
C HIS A 536 -8.06 8.07 8.87
N PRO A 537 -6.86 7.86 8.28
CA PRO A 537 -6.60 8.29 6.91
C PRO A 537 -7.35 7.45 5.88
N PRO A 538 -7.50 7.93 4.62
CA PRO A 538 -8.22 7.19 3.59
C PRO A 538 -7.53 5.89 3.23
N VAL A 539 -8.19 5.07 2.40
CA VAL A 539 -7.62 3.74 2.06
C VAL A 539 -6.28 3.93 1.35
N GLY A 540 -5.27 3.14 1.73
CA GLY A 540 -3.95 3.22 1.08
C GLY A 540 -3.03 4.20 1.79
N ARG A 541 -3.59 5.07 2.62
CA ARG A 541 -2.77 6.13 3.27
C ARG A 541 -2.64 5.87 4.78
N GLY A 542 -2.65 4.61 5.20
CA GLY A 542 -2.45 4.31 6.63
C GLY A 542 -2.96 2.93 6.99
N THR A 543 -2.61 2.44 8.20
CA THR A 543 -3.06 1.12 8.66
C THR A 543 -4.54 1.17 8.96
N GLY A 544 -5.00 2.27 9.56
CA GLY A 544 -6.44 2.44 9.88
C GLY A 544 -6.78 1.75 11.19
N LYS A 545 -5.78 1.19 11.88
CA LYS A 545 -6.02 0.48 13.16
C LYS A 545 -5.00 0.96 14.20
N ARG A 546 -5.03 2.26 14.54
CA ARG A 546 -4.13 2.78 15.58
C ARG A 546 -4.97 3.18 16.80
N VAL A 547 -4.60 2.72 17.99
CA VAL A 547 -5.34 3.14 19.21
C VAL A 547 -5.16 4.66 19.34
N LEU A 548 -6.26 5.39 19.48
CA LEU A 548 -6.18 6.86 19.54
C LEU A 548 -5.56 7.29 20.88
N THR A 549 -4.75 8.35 20.87
CA THR A 549 -4.13 8.86 22.12
C THR A 549 -5.16 9.72 22.82
N ALA A 550 -4.83 10.19 24.02
CA ALA A 550 -5.81 10.96 24.82
C ALA A 550 -6.19 12.23 24.06
N LYS A 551 -5.20 12.94 23.52
CA LYS A 551 -5.46 14.20 22.78
C LYS A 551 -6.28 13.88 21.52
N GLU A 552 -5.95 12.78 20.85
CA GLU A 552 -6.69 12.37 19.63
C GLU A 552 -8.18 12.16 19.98
N LYS A 553 -8.46 11.50 21.10
CA LYS A 553 -9.87 11.26 21.50
C LYS A 553 -10.53 12.61 21.85
N LYS A 554 -9.82 13.48 22.57
CA LYS A 554 -10.38 14.80 22.96
C LYS A 554 -10.62 15.63 21.69
N THR A 555 -9.66 15.60 20.75
CA THR A 555 -9.82 16.34 19.48
C THR A 555 -11.02 15.81 18.74
N GLN A 556 -11.16 14.48 18.66
CA GLN A 556 -12.29 13.86 17.93
C GLN A 556 -13.61 14.36 18.54
N LEU A 557 -13.71 14.32 19.87
CA LEU A 557 -14.97 14.73 20.55
C LEU A 557 -15.29 16.20 20.22
N ASP A 558 -14.30 17.09 20.31
CA ASP A 558 -14.54 18.54 20.09
C ASP A 558 -14.90 18.78 18.62
N ASP A 559 -14.23 18.06 17.70
CA ASP A 559 -14.52 18.20 16.25
C ASP A 559 -15.96 17.75 15.99
N ARG A 560 -16.32 16.55 16.47
CA ARG A 560 -17.71 16.04 16.28
C ARG A 560 -18.71 17.05 16.87
N THR A 561 -18.44 17.55 18.08
CA THR A 561 -19.37 18.51 18.72
C THR A 561 -19.54 19.71 17.81
N LYS A 562 -18.44 20.26 17.29
CA LYS A 562 -18.51 21.46 16.42
C LYS A 562 -19.25 21.11 15.12
N ILE A 563 -18.90 19.97 14.53
CA ILE A 563 -19.56 19.54 13.27
C ILE A 563 -21.07 19.48 13.52
N THR A 564 -21.49 18.82 14.61
CA THR A 564 -22.94 18.64 14.84
C THR A 564 -23.60 19.99 15.02
N GLU A 565 -23.06 20.86 15.85
CA GLU A 565 -23.73 22.17 16.14
C GLU A 565 -23.86 23.01 14.86
N LEU A 566 -22.80 23.08 14.05
CA LEU A 566 -22.82 23.92 12.83
C LEU A 566 -23.70 23.32 11.74
N PHE A 567 -23.52 22.03 11.43
CA PHE A 567 -24.27 21.42 10.29
C PHE A 567 -25.67 20.98 10.71
N ALA A 568 -26.00 21.03 12.00
CA ALA A 568 -27.39 20.75 12.40
C ALA A 568 -28.28 21.86 11.84
N VAL A 569 -27.77 23.09 11.85
CA VAL A 569 -28.55 24.25 11.32
C VAL A 569 -28.31 24.38 9.81
N ALA A 570 -27.06 24.20 9.36
CA ALA A 570 -26.69 24.43 7.94
C ALA A 570 -27.16 23.32 7.00
N LEU A 571 -27.13 22.05 7.41
CA LEU A 571 -27.45 20.96 6.46
C LEU A 571 -28.86 21.17 5.86
N PRO A 572 -29.93 21.42 6.65
CA PRO A 572 -31.24 21.67 6.05
C PRO A 572 -31.17 22.77 4.99
N GLN A 573 -30.47 23.87 5.28
CA GLN A 573 -30.38 25.01 4.33
C GLN A 573 -29.62 24.61 3.06
N LEU A 574 -28.54 23.83 3.20
CA LEU A 574 -27.72 23.40 2.05
C LEU A 574 -28.55 22.48 1.13
N LEU A 575 -29.31 21.55 1.72
CA LEU A 575 -30.08 20.59 0.89
C LEU A 575 -31.15 21.37 0.10
N ALA A 576 -31.74 22.39 0.73
CA ALA A 576 -32.77 23.19 0.05
C ALA A 576 -32.16 23.92 -1.16
N LYS A 577 -30.92 24.41 -1.01
CA LYS A 577 -30.26 25.15 -2.12
C LYS A 577 -29.79 24.20 -3.24
N TYR A 578 -29.27 23.02 -2.92
CA TYR A 578 -28.69 22.15 -3.98
C TYR A 578 -29.52 20.88 -4.18
N SER A 579 -30.84 20.94 -3.92
CA SER A 579 -31.70 19.74 -4.00
C SER A 579 -31.72 19.13 -5.41
N VAL A 580 -31.74 19.96 -6.46
CA VAL A 580 -31.87 19.43 -7.85
C VAL A 580 -30.60 18.68 -8.30
N ASP A 581 -29.44 18.99 -7.72
CA ASP A 581 -28.15 18.37 -8.19
C ASP A 581 -27.89 17.04 -7.47
N ALA A 582 -27.86 15.94 -8.23
CA ALA A 582 -27.67 14.60 -7.64
C ALA A 582 -26.29 14.47 -6.99
N GLU A 583 -25.25 14.89 -7.70
CA GLU A 583 -23.87 14.73 -7.17
C GLU A 583 -23.74 15.51 -5.85
N LYS A 584 -24.21 16.75 -5.82
CA LYS A 584 -24.10 17.60 -4.61
C LYS A 584 -24.94 17.00 -3.48
N VAL A 585 -26.18 16.60 -3.80
CA VAL A 585 -27.12 16.07 -2.75
C VAL A 585 -26.51 14.80 -2.15
N THR A 586 -25.93 13.94 -3.00
CA THR A 586 -25.34 12.67 -2.52
C THR A 586 -24.29 12.98 -1.48
N ASN A 587 -23.38 13.90 -1.80
CA ASN A 587 -22.28 14.24 -0.87
C ASN A 587 -22.85 14.86 0.41
N LEU A 588 -23.77 15.81 0.27
CA LEU A 588 -24.33 16.52 1.45
C LEU A 588 -25.08 15.55 2.37
N LEU A 589 -25.76 14.54 1.82
CA LEU A 589 -26.60 13.62 2.63
C LEU A 589 -25.72 12.66 3.48
N GLN A 590 -24.42 12.64 3.25
CA GLN A 590 -23.51 11.74 4.00
C GLN A 590 -23.05 12.40 5.29
N LEU A 591 -23.28 13.71 5.44
CA LEU A 591 -22.80 14.46 6.64
C LEU A 591 -23.48 13.98 7.93
N PRO A 592 -24.79 13.68 8.00
CA PRO A 592 -25.43 13.32 9.26
C PRO A 592 -24.84 12.09 9.96
N GLN A 593 -24.06 11.29 9.22
CA GLN A 593 -23.45 10.06 9.79
C GLN A 593 -22.31 10.42 10.75
N TYR A 594 -21.81 11.66 10.69
CA TYR A 594 -20.65 12.07 11.54
C TYR A 594 -21.14 13.06 12.58
N PHE A 595 -22.29 12.82 13.19
CA PHE A 595 -22.89 13.79 14.14
C PHE A 595 -23.11 13.16 15.50
N ASP A 596 -23.03 13.96 16.58
CA ASP A 596 -23.40 13.44 17.93
C ASP A 596 -24.91 13.68 18.07
N LEU A 597 -25.72 12.64 17.87
CA LEU A 597 -27.20 12.83 17.83
C LEU A 597 -27.74 13.36 19.18
N GLU A 598 -27.06 13.07 20.29
CA GLU A 598 -27.53 13.52 21.62
C GLU A 598 -27.51 15.05 21.69
N ILE A 599 -26.72 15.71 20.84
CA ILE A 599 -26.62 17.20 20.83
C ILE A 599 -28.01 17.78 20.54
N TYR A 600 -28.81 17.07 19.74
CA TYR A 600 -30.17 17.56 19.38
C TYR A 600 -31.04 17.69 20.61
N THR A 601 -30.87 16.78 21.58
CA THR A 601 -31.72 16.81 22.79
C THR A 601 -31.00 17.50 23.93
N THR A 602 -29.66 17.52 23.90
CA THR A 602 -28.91 18.27 24.93
C THR A 602 -28.82 19.73 24.52
N GLY A 603 -29.11 20.04 23.25
CA GLY A 603 -28.99 21.43 22.77
C GLY A 603 -30.31 22.01 22.29
N ARG A 604 -31.43 21.29 22.48
CA ARG A 604 -32.76 21.79 22.10
C ARG A 604 -32.76 22.21 20.62
N LEU A 605 -32.11 21.43 19.76
CA LEU A 605 -32.08 21.71 18.30
C LEU A 605 -33.03 20.74 17.57
N GLU A 606 -34.15 20.37 18.20
CA GLU A 606 -35.09 19.39 17.61
C GLU A 606 -35.85 20.00 16.41
N LYS A 607 -36.02 21.33 16.39
CA LYS A 607 -36.68 21.99 15.23
C LYS A 607 -35.81 21.80 13.99
N HIS A 608 -34.49 21.73 14.17
CA HIS A 608 -33.55 21.52 13.04
C HIS A 608 -33.69 20.08 12.52
N LEU A 609 -33.98 19.14 13.41
CA LEU A 609 -34.17 17.72 12.99
C LEU A 609 -35.41 17.64 12.10
N ASP A 610 -36.49 18.34 12.49
CA ASP A 610 -37.74 18.33 11.69
C ASP A 610 -37.43 18.81 10.27
N ALA A 611 -36.62 19.86 10.13
CA ALA A 611 -36.28 20.42 8.80
C ALA A 611 -35.41 19.44 8.01
N LEU A 612 -34.40 18.85 8.66
CA LEU A 612 -33.57 17.83 7.96
C LEU A 612 -34.46 16.71 7.43
N LEU A 613 -35.41 16.24 8.26
CA LEU A 613 -36.27 15.11 7.85
C LEU A 613 -37.12 15.51 6.64
N ARG A 614 -37.65 16.74 6.64
CA ARG A 614 -38.53 17.20 5.54
C ARG A 614 -37.76 17.21 4.22
N GLN A 615 -36.50 17.68 4.23
CA GLN A 615 -35.70 17.79 2.99
C GLN A 615 -35.35 16.40 2.46
N ILE A 616 -35.04 15.45 3.35
CA ILE A 616 -34.77 14.05 2.89
C ILE A 616 -36.06 13.51 2.26
N ARG A 617 -37.21 13.72 2.91
CA ARG A 617 -38.49 13.28 2.30
C ARG A 617 -38.66 14.00 0.95
N ASN A 618 -38.37 15.30 0.90
CA ASN A 618 -38.56 16.08 -0.36
C ASN A 618 -37.66 15.52 -1.46
N ILE A 619 -36.40 15.21 -1.14
CA ILE A 619 -35.43 14.72 -2.16
C ILE A 619 -35.90 13.35 -2.67
N VAL A 620 -36.36 12.48 -1.78
CA VAL A 620 -36.77 11.10 -2.20
C VAL A 620 -37.92 11.22 -3.20
N GLU A 621 -38.87 12.12 -2.94
CA GLU A 621 -40.07 12.21 -3.82
C GLU A 621 -39.73 12.87 -5.17
N LYS A 622 -38.54 13.45 -5.31
CA LYS A 622 -38.20 14.16 -6.58
C LYS A 622 -37.06 13.45 -7.35
N HIS A 623 -36.23 12.65 -6.69
CA HIS A 623 -35.06 12.03 -7.38
C HIS A 623 -35.27 10.54 -7.64
N THR A 624 -34.66 10.02 -8.71
CA THR A 624 -34.78 8.59 -9.07
C THR A 624 -33.39 7.99 -9.23
N ASP A 625 -32.35 8.78 -8.94
CA ASP A 625 -30.96 8.29 -9.04
C ASP A 625 -30.72 7.28 -7.92
N THR A 626 -30.14 6.13 -8.25
CA THR A 626 -29.94 5.06 -7.24
C THR A 626 -29.07 5.56 -6.11
N ASP A 627 -28.04 6.35 -6.41
CA ASP A 627 -27.08 6.79 -5.36
C ASP A 627 -27.76 7.82 -4.44
N VAL A 628 -28.55 8.73 -5.01
CA VAL A 628 -29.30 9.69 -4.16
C VAL A 628 -30.22 8.90 -3.21
N LEU A 629 -30.89 7.86 -3.73
CA LEU A 629 -31.86 7.09 -2.91
C LEU A 629 -31.10 6.24 -1.87
N GLU A 630 -29.93 5.71 -2.22
CA GLU A 630 -29.12 4.94 -1.24
C GLU A 630 -28.75 5.88 -0.08
N ALA A 631 -28.37 7.11 -0.39
CA ALA A 631 -27.93 8.08 0.64
C ALA A 631 -29.11 8.41 1.57
N CYS A 632 -30.29 8.68 0.99
CA CYS A 632 -31.47 9.04 1.79
C CYS A 632 -31.81 7.89 2.76
N SER A 633 -31.84 6.65 2.26
CA SER A 633 -32.15 5.47 3.10
C SER A 633 -31.11 5.33 4.23
N LYS A 634 -29.83 5.48 3.90
CA LYS A 634 -28.76 5.29 4.92
C LYS A 634 -28.78 6.44 5.93
N THR A 635 -29.07 7.67 5.48
CA THR A 635 -29.16 8.81 6.43
C THR A 635 -30.27 8.53 7.42
N TYR A 636 -31.41 8.04 6.95
CA TYR A 636 -32.56 7.75 7.85
C TYR A 636 -32.14 6.70 8.89
N HIS A 637 -31.43 5.65 8.47
CA HIS A 637 -31.00 4.55 9.38
C HIS A 637 -30.12 5.14 10.50
N ALA A 638 -29.17 6.00 10.12
CA ALA A 638 -28.30 6.65 11.13
C ALA A 638 -29.18 7.43 12.11
N LEU A 639 -30.12 8.23 11.59
CA LEU A 639 -31.02 9.03 12.46
C LEU A 639 -31.90 8.09 13.28
N CYS A 640 -32.34 6.97 12.70
CA CYS A 640 -33.23 6.02 13.41
C CYS A 640 -32.41 5.15 14.37
N ASN A 641 -31.86 5.74 15.44
CA ASN A 641 -31.12 4.93 16.45
C ASN A 641 -31.94 4.91 17.75
N GLU A 642 -32.33 3.72 18.21
CA GLU A 642 -33.19 3.61 19.41
C GLU A 642 -32.40 3.94 20.69
N GLU A 643 -31.10 4.22 20.54
CA GLU A 643 -30.25 4.59 21.70
C GLU A 643 -30.36 6.11 21.93
N PHE A 644 -31.00 6.83 21.01
CA PHE A 644 -31.11 8.31 21.13
C PHE A 644 -32.58 8.68 21.34
N THR A 645 -32.84 9.71 22.15
CA THR A 645 -34.23 10.08 22.49
C THR A 645 -34.95 10.65 21.28
N ILE A 646 -34.22 10.98 20.21
CA ILE A 646 -34.84 11.58 18.99
C ILE A 646 -35.50 10.47 18.17
N PHE A 647 -35.38 9.20 18.58
CA PHE A 647 -35.88 8.06 17.78
C PHE A 647 -37.38 8.17 17.50
N ASN A 648 -38.17 8.55 18.50
CA ASN A 648 -39.64 8.59 18.30
C ASN A 648 -39.96 9.51 17.13
N ARG A 649 -39.35 10.70 17.08
CA ARG A 649 -39.66 11.68 16.02
C ARG A 649 -39.26 11.11 14.64
N VAL A 650 -38.07 10.51 14.55
CA VAL A 650 -37.57 10.01 13.24
C VAL A 650 -38.34 8.73 12.83
N ASP A 651 -38.83 7.96 13.80
CA ASP A 651 -39.66 6.76 13.45
C ASP A 651 -40.98 7.24 12.86
N ILE A 652 -41.55 8.32 13.42
CA ILE A 652 -42.81 8.89 12.88
C ILE A 652 -42.56 9.36 11.45
N SER A 653 -41.45 10.05 11.20
CA SER A 653 -41.15 10.57 9.84
C SER A 653 -40.96 9.41 8.86
N ARG A 654 -40.20 8.39 9.25
CA ARG A 654 -39.94 7.23 8.36
C ARG A 654 -41.28 6.56 8.03
N SER A 655 -42.11 6.33 9.05
CA SER A 655 -43.41 5.66 8.86
C SER A 655 -44.28 6.46 7.87
N GLN A 656 -44.32 7.78 8.05
CA GLN A 656 -45.14 8.64 7.15
C GLN A 656 -44.63 8.50 5.71
N LEU A 657 -43.31 8.50 5.52
CA LEU A 657 -42.73 8.40 4.15
C LEU A 657 -43.13 7.07 3.50
N ILE A 658 -42.95 5.96 4.22
CA ILE A 658 -43.25 4.61 3.61
C ILE A 658 -44.76 4.49 3.38
N ASP A 659 -45.58 5.08 4.26
CA ASP A 659 -47.04 5.06 4.05
C ASP A 659 -47.37 5.65 2.68
N GLU A 660 -46.84 6.83 2.37
CA GLU A 660 -47.13 7.51 1.07
C GLU A 660 -46.61 6.64 -0.08
N LEU A 661 -45.36 6.19 0.00
CA LEU A 661 -44.74 5.41 -1.10
C LEU A 661 -45.54 4.12 -1.34
N ALA A 662 -45.83 3.37 -0.28
CA ALA A 662 -46.54 2.08 -0.43
C ALA A 662 -47.95 2.31 -1.00
N ASP A 663 -48.62 3.37 -0.53
CA ASP A 663 -50.00 3.67 -1.01
C ASP A 663 -49.97 3.93 -2.53
N LYS A 664 -49.01 4.73 -3.00
CA LYS A 664 -48.89 5.03 -4.45
C LYS A 664 -48.58 3.74 -5.22
N PHE A 665 -47.66 2.92 -4.71
CA PHE A 665 -47.26 1.69 -5.43
C PHE A 665 -48.50 0.82 -5.65
N ASN A 666 -49.28 0.62 -4.59
CA ASN A 666 -50.47 -0.27 -4.68
C ASN A 666 -51.47 0.28 -5.70
N ARG A 667 -51.72 1.60 -5.68
CA ARG A 667 -52.73 2.19 -6.60
C ARG A 667 -52.21 2.19 -8.06
N LEU A 668 -50.91 2.40 -8.27
CA LEU A 668 -50.35 2.36 -9.64
C LEU A 668 -50.37 0.93 -10.18
N LEU A 669 -50.00 -0.06 -9.36
CA LEU A 669 -49.90 -1.46 -9.84
C LEU A 669 -51.29 -1.99 -10.22
N GLU A 670 -52.34 -1.54 -9.53
CA GLU A 670 -53.71 -2.08 -9.79
C GLU A 670 -54.12 -1.77 -11.23
N ASP A 671 -53.61 -0.68 -11.80
CA ASP A 671 -53.99 -0.27 -13.19
C ASP A 671 -52.92 -0.71 -14.20
N PHE A 672 -51.66 -0.80 -13.77
CA PHE A 672 -50.55 -1.21 -14.67
C PHE A 672 -50.69 -2.67 -15.03
N LEU A 673 -51.11 -3.49 -14.06
CA LEU A 673 -51.17 -4.95 -14.29
C LEU A 673 -52.58 -5.36 -14.74
N GLN A 674 -53.43 -4.41 -15.14
CA GLN A 674 -54.83 -4.78 -15.50
C GLN A 674 -54.80 -5.66 -16.76
N GLU A 675 -55.44 -6.83 -16.69
CA GLU A 675 -55.53 -7.72 -17.87
C GLU A 675 -56.11 -6.90 -19.04
N GLY A 676 -55.39 -6.82 -20.15
CA GLY A 676 -55.85 -5.99 -21.28
C GLY A 676 -55.17 -4.64 -21.26
N GLU A 677 -55.64 -3.70 -22.08
CA GLU A 677 -55.05 -2.34 -22.17
C GLU A 677 -53.63 -2.42 -22.77
N GLU A 678 -52.93 -1.30 -22.86
CA GLU A 678 -51.54 -1.28 -23.36
C GLU A 678 -50.72 -0.47 -22.37
N PRO A 679 -49.47 -0.85 -22.05
CA PRO A 679 -48.72 -0.14 -21.02
C PRO A 679 -48.04 1.14 -21.51
N ASP A 680 -48.61 2.29 -21.14
CA ASP A 680 -48.00 3.59 -21.50
C ASP A 680 -46.63 3.68 -20.85
N GLU A 681 -45.66 4.28 -21.54
CA GLU A 681 -44.30 4.45 -20.96
C GLU A 681 -44.42 5.33 -19.70
N ASP A 682 -45.43 6.19 -19.64
CA ASP A 682 -45.63 7.08 -18.47
C ASP A 682 -45.93 6.22 -17.24
N ASP A 683 -46.86 5.27 -17.39
CA ASP A 683 -47.25 4.39 -16.25
C ASP A 683 -46.03 3.61 -15.77
N ALA A 684 -45.25 3.03 -16.69
CA ALA A 684 -44.07 2.21 -16.31
C ALA A 684 -43.00 3.11 -15.66
N TYR A 685 -42.85 4.34 -16.15
CA TYR A 685 -41.88 5.28 -15.51
C TYR A 685 -42.32 5.54 -14.07
N GLN A 686 -43.61 5.80 -13.87
CA GLN A 686 -44.13 6.03 -12.49
C GLN A 686 -43.88 4.79 -11.63
N VAL A 687 -44.18 3.60 -12.17
CA VAL A 687 -44.03 2.35 -11.38
C VAL A 687 -42.54 2.15 -11.05
N LEU A 688 -41.66 2.31 -12.04
CA LEU A 688 -40.21 2.06 -11.80
C LEU A 688 -39.74 3.03 -10.71
N SER A 689 -40.17 4.29 -10.82
CA SER A 689 -39.72 5.33 -9.85
C SER A 689 -40.09 4.90 -8.43
N THR A 690 -41.34 4.47 -8.19
CA THR A 690 -41.80 4.13 -6.83
C THR A 690 -41.13 2.84 -6.35
N LEU A 691 -40.98 1.85 -7.24
CA LEU A 691 -40.29 0.59 -6.87
C LEU A 691 -38.84 0.92 -6.49
N LYS A 692 -38.18 1.78 -7.26
CA LYS A 692 -36.77 2.16 -6.97
C LYS A 692 -36.66 2.69 -5.54
N ARG A 693 -37.52 3.66 -5.18
CA ARG A 693 -37.48 4.27 -3.82
C ARG A 693 -37.75 3.21 -2.74
N ILE A 694 -38.73 2.33 -2.94
CA ILE A 694 -39.09 1.32 -1.90
C ILE A 694 -37.93 0.32 -1.73
N THR A 695 -37.30 -0.07 -2.82
CA THR A 695 -36.18 -1.04 -2.75
C THR A 695 -35.07 -0.46 -1.89
N ALA A 696 -34.81 0.83 -2.05
CA ALA A 696 -33.73 1.50 -1.29
C ALA A 696 -34.05 1.48 0.21
N PHE A 697 -35.27 1.91 0.56
CA PHE A 697 -35.65 1.98 2.00
C PHE A 697 -35.78 0.57 2.58
N HIS A 698 -36.04 -0.44 1.74
CA HIS A 698 -36.26 -1.82 2.26
C HIS A 698 -34.93 -2.50 2.60
N ASN A 699 -33.81 -1.96 2.13
CA ASN A 699 -32.47 -2.57 2.40
C ASN A 699 -32.06 -2.26 3.85
N ALA A 700 -32.36 -1.06 4.33
CA ALA A 700 -31.93 -0.64 5.69
C ALA A 700 -33.12 -0.60 6.65
N HIS A 701 -34.35 -0.59 6.14
CA HIS A 701 -35.54 -0.46 7.01
C HIS A 701 -36.45 -1.69 6.88
N ASP A 702 -37.18 -2.05 7.94
CA ASP A 702 -38.03 -3.28 7.95
C ASP A 702 -39.10 -3.21 6.86
N LEU A 703 -40.13 -2.39 7.05
CA LEU A 703 -41.21 -2.19 6.03
C LEU A 703 -42.08 -3.47 5.93
N SER A 704 -42.01 -4.35 6.93
CA SER A 704 -42.77 -5.63 6.90
C SER A 704 -44.24 -5.41 7.31
N LYS A 705 -44.55 -4.29 7.95
CA LYS A 705 -45.96 -3.96 8.31
C LYS A 705 -46.70 -3.63 7.02
N TRP A 706 -45.99 -3.16 6.01
CA TRP A 706 -46.60 -2.90 4.69
C TRP A 706 -46.31 -4.13 3.81
N ASP A 707 -47.21 -5.12 3.80
CA ASP A 707 -46.94 -6.39 3.08
C ASP A 707 -46.69 -6.10 1.60
N LEU A 708 -45.45 -6.28 1.13
CA LEU A 708 -45.11 -5.91 -0.28
C LEU A 708 -44.82 -7.15 -1.14
N PHE A 709 -44.73 -8.34 -0.54
CA PHE A 709 -44.39 -9.55 -1.33
C PHE A 709 -45.46 -9.77 -2.39
N ALA A 710 -46.73 -9.61 -2.00
CA ALA A 710 -47.85 -9.89 -2.95
C ALA A 710 -47.68 -9.01 -4.19
N CYS A 711 -47.42 -7.73 -3.98
CA CYS A 711 -47.26 -6.78 -5.11
C CYS A 711 -46.05 -7.18 -5.96
N ASN A 712 -44.92 -7.50 -5.34
CA ASN A 712 -43.68 -7.80 -6.12
C ASN A 712 -43.84 -9.13 -6.86
N TYR A 713 -44.51 -10.10 -6.26
CA TYR A 713 -44.73 -11.42 -6.92
C TYR A 713 -45.61 -11.23 -8.17
N LYS A 714 -46.64 -10.39 -8.05
CA LYS A 714 -47.55 -10.16 -9.21
C LYS A 714 -46.75 -9.54 -10.37
N LEU A 715 -45.86 -8.58 -10.07
CA LEU A 715 -45.08 -7.90 -11.14
C LEU A 715 -44.17 -8.93 -11.82
N LEU A 716 -43.46 -9.73 -11.03
CA LEU A 716 -42.52 -10.73 -11.59
C LEU A 716 -43.30 -11.83 -12.31
N LYS A 717 -44.46 -12.23 -11.77
CA LYS A 717 -45.27 -13.30 -12.40
C LYS A 717 -45.73 -12.83 -13.78
N THR A 718 -46.12 -11.55 -13.88
CA THR A 718 -46.62 -11.00 -15.17
C THR A 718 -45.51 -11.03 -16.20
N GLY A 719 -44.28 -10.73 -15.80
CA GLY A 719 -43.14 -10.79 -16.73
C GLY A 719 -42.94 -12.18 -17.28
N ILE A 720 -43.13 -13.20 -16.45
CA ILE A 720 -42.98 -14.61 -16.90
C ILE A 720 -44.15 -15.00 -17.82
N GLU A 721 -45.34 -14.42 -17.60
CA GLU A 721 -46.53 -14.79 -18.41
C GLU A 721 -46.59 -13.95 -19.69
N ASN A 722 -46.18 -12.69 -19.65
CA ASN A 722 -46.32 -11.81 -20.83
C ASN A 722 -45.00 -11.77 -21.61
N GLY A 723 -43.97 -11.15 -21.03
CA GLY A 723 -42.64 -11.15 -21.67
C GLY A 723 -42.18 -9.76 -22.05
N ASP A 724 -42.98 -8.72 -21.80
CA ASP A 724 -42.59 -7.37 -22.28
C ASP A 724 -42.36 -6.40 -21.12
N MET A 725 -42.27 -6.90 -19.89
CA MET A 725 -42.10 -6.01 -18.71
C MET A 725 -40.78 -5.24 -18.86
N PRO A 726 -40.76 -3.91 -18.68
CA PRO A 726 -39.50 -3.17 -18.74
C PRO A 726 -38.41 -3.81 -17.88
N GLU A 727 -37.21 -3.93 -18.43
CA GLU A 727 -36.08 -4.60 -17.73
C GLU A 727 -35.81 -3.98 -16.35
N GLN A 728 -35.80 -2.65 -16.25
CA GLN A 728 -35.43 -2.00 -14.96
C GLN A 728 -36.45 -2.33 -13.85
N ILE A 729 -37.73 -2.39 -14.19
CA ILE A 729 -38.78 -2.77 -13.20
C ILE A 729 -38.47 -4.19 -12.69
N VAL A 730 -38.09 -5.08 -13.59
CA VAL A 730 -37.80 -6.50 -13.20
C VAL A 730 -36.62 -6.52 -12.21
N ILE A 731 -35.58 -5.74 -12.50
CA ILE A 731 -34.36 -5.74 -11.64
C ILE A 731 -34.75 -5.27 -10.22
N HIS A 732 -35.50 -4.17 -10.12
CA HIS A 732 -35.84 -3.60 -8.79
C HIS A 732 -36.83 -4.51 -8.06
N ALA A 733 -37.72 -5.17 -8.79
CA ALA A 733 -38.72 -6.08 -8.17
C ALA A 733 -38.00 -7.28 -7.55
N LEU A 734 -36.98 -7.80 -8.25
CA LEU A 734 -36.20 -8.94 -7.71
C LEU A 734 -35.48 -8.50 -6.42
N GLN A 735 -34.86 -7.32 -6.44
CA GLN A 735 -34.11 -6.82 -5.25
C GLN A 735 -35.09 -6.61 -4.08
N CYS A 736 -36.24 -6.01 -4.34
CA CYS A 736 -37.21 -5.71 -3.26
C CYS A 736 -37.69 -7.02 -2.61
N THR A 737 -37.95 -8.05 -3.42
CA THR A 737 -38.50 -9.31 -2.86
C THR A 737 -37.43 -9.96 -2.00
N HIS A 738 -36.16 -9.82 -2.39
CA HIS A 738 -35.05 -10.37 -1.57
C HIS A 738 -35.15 -9.79 -0.17
N TYR A 739 -35.33 -8.47 -0.08
CA TYR A 739 -35.36 -7.78 1.24
C TYR A 739 -36.60 -8.19 2.03
N VAL A 740 -37.74 -8.35 1.34
CA VAL A 740 -38.99 -8.78 2.04
C VAL A 740 -38.70 -10.12 2.75
N ILE A 741 -38.15 -11.10 2.04
CA ILE A 741 -37.91 -12.45 2.64
C ILE A 741 -36.82 -12.36 3.72
N LEU A 742 -35.82 -11.50 3.51
CA LEU A 742 -34.70 -11.37 4.49
C LEU A 742 -35.22 -10.75 5.80
N TRP A 743 -36.10 -9.75 5.71
CA TRP A 743 -36.61 -9.06 6.92
C TRP A 743 -37.55 -9.99 7.71
N GLN A 744 -38.21 -10.92 7.03
CA GLN A 744 -39.09 -11.91 7.72
C GLN A 744 -38.23 -12.93 8.48
N LEU A 745 -37.09 -13.33 7.92
CA LEU A 745 -36.20 -14.33 8.57
C LEU A 745 -35.66 -13.74 9.88
N ALA A 746 -35.40 -12.43 9.91
CA ALA A 746 -34.82 -11.79 11.10
C ALA A 746 -35.82 -11.81 12.25
N LYS A 747 -37.11 -11.71 11.94
CA LYS A 747 -38.16 -11.66 12.99
C LYS A 747 -38.47 -13.07 13.52
N ILE A 748 -38.15 -14.11 12.75
CA ILE A 748 -38.51 -15.51 13.15
C ILE A 748 -37.57 -15.96 14.28
N THR A 749 -36.40 -15.34 14.40
CA THR A 749 -35.45 -15.72 15.46
C THR A 749 -36.17 -15.77 16.78
N GLU A 750 -37.09 -14.83 17.02
CA GLU A 750 -37.88 -14.81 18.28
C GLU A 750 -38.79 -16.05 18.35
N SER A 751 -38.65 -16.86 19.41
CA SER A 751 -39.54 -18.04 19.58
C SER A 751 -41.01 -17.58 19.54
N SER A 752 -41.26 -16.32 19.87
CA SER A 752 -42.64 -15.76 19.80
C SER A 752 -43.25 -16.03 18.42
N SER A 753 -42.47 -16.61 17.50
CA SER A 753 -42.97 -16.88 16.12
C SER A 753 -43.60 -18.27 16.03
N THR A 754 -44.77 -18.38 15.41
CA THR A 754 -45.50 -19.67 15.30
C THR A 754 -45.00 -20.45 14.10
N LYS A 755 -45.50 -21.68 13.92
CA LYS A 755 -45.07 -22.54 12.80
C LYS A 755 -45.72 -22.01 11.51
N GLU A 756 -46.80 -21.24 11.64
CA GLU A 756 -47.42 -20.62 10.45
C GLU A 756 -46.38 -19.69 9.81
N ASP A 757 -45.62 -18.97 10.65
CA ASP A 757 -44.63 -18.00 10.13
C ASP A 757 -43.51 -18.75 9.41
N LEU A 758 -43.01 -19.83 10.01
CA LEU A 758 -41.94 -20.64 9.38
C LEU A 758 -42.46 -21.24 8.08
N LEU A 759 -43.71 -21.75 8.09
CA LEU A 759 -44.28 -22.38 6.89
C LEU A 759 -44.55 -21.33 5.81
N ARG A 760 -45.03 -20.14 6.22
CA ARG A 760 -45.27 -19.05 5.26
C ARG A 760 -43.93 -18.62 4.64
N LEU A 761 -42.89 -18.55 5.46
CA LEU A 761 -41.56 -18.10 4.95
C LEU A 761 -41.06 -19.14 3.93
N LYS A 762 -41.20 -20.43 4.25
CA LYS A 762 -40.71 -21.49 3.32
C LYS A 762 -41.38 -21.32 1.96
N LYS A 763 -42.71 -21.17 1.94
CA LYS A 763 -43.42 -21.11 0.63
C LYS A 763 -42.96 -19.85 -0.13
N GLN A 764 -42.79 -18.74 0.58
CA GLN A 764 -42.40 -17.47 -0.07
C GLN A 764 -40.99 -17.60 -0.67
N MET A 765 -40.05 -18.18 0.08
CA MET A 765 -38.65 -18.32 -0.40
C MET A 765 -38.61 -19.30 -1.58
N ARG A 766 -39.41 -20.36 -1.54
CA ARG A 766 -39.36 -21.39 -2.62
C ARG A 766 -39.90 -20.79 -3.92
N VAL A 767 -41.01 -20.05 -3.84
CA VAL A 767 -41.59 -19.40 -5.04
C VAL A 767 -40.57 -18.43 -5.66
N PHE A 768 -39.85 -17.68 -4.81
CA PHE A 768 -38.89 -16.66 -5.32
C PHE A 768 -37.76 -17.34 -6.11
N CYS A 769 -37.25 -18.47 -5.61
CA CYS A 769 -36.10 -19.13 -6.28
C CYS A 769 -36.50 -19.55 -7.71
N GLN A 770 -37.74 -20.01 -7.90
CA GLN A 770 -38.22 -20.41 -9.24
C GLN A 770 -38.32 -19.18 -10.17
N ILE A 771 -38.79 -18.04 -9.63
CA ILE A 771 -38.87 -16.79 -10.43
C ILE A 771 -37.44 -16.39 -10.85
N CYS A 772 -36.49 -16.45 -9.93
CA CYS A 772 -35.09 -16.08 -10.23
C CYS A 772 -34.51 -17.02 -11.31
N GLN A 773 -34.81 -18.33 -11.23
CA GLN A 773 -34.26 -19.30 -12.20
C GLN A 773 -34.75 -18.93 -13.61
N HIS A 774 -35.99 -18.48 -13.72
CA HIS A 774 -36.57 -18.08 -15.03
C HIS A 774 -35.79 -16.89 -15.60
N TYR A 775 -35.49 -15.88 -14.79
CA TYR A 775 -34.82 -14.66 -15.32
C TYR A 775 -33.33 -14.94 -15.56
N LEU A 776 -32.83 -16.09 -15.08
CA LEU A 776 -31.42 -16.46 -15.35
C LEU A 776 -31.28 -16.87 -16.83
N THR A 777 -32.40 -17.12 -17.49
CA THR A 777 -32.37 -17.49 -18.93
C THR A 777 -32.85 -16.32 -19.75
N ASN A 778 -32.89 -15.12 -19.18
CA ASN A 778 -33.46 -13.94 -19.90
C ASN A 778 -32.52 -13.44 -20.99
N VAL A 779 -33.03 -12.62 -21.90
CA VAL A 779 -32.21 -12.09 -23.04
C VAL A 779 -31.43 -10.86 -22.59
N ASN A 780 -31.95 -10.10 -21.63
CA ASN A 780 -31.21 -8.92 -21.09
C ASN A 780 -30.11 -9.43 -20.14
N THR A 781 -28.87 -8.99 -20.34
CA THR A 781 -27.75 -9.49 -19.51
C THR A 781 -27.88 -8.95 -18.11
N THR A 782 -28.41 -7.74 -17.96
CA THR A 782 -28.52 -7.11 -16.63
C THR A 782 -29.45 -7.94 -15.76
N VAL A 783 -30.56 -8.41 -16.33
CA VAL A 783 -31.56 -9.21 -15.56
C VAL A 783 -30.91 -10.55 -15.16
N LYS A 784 -30.17 -11.17 -16.08
CA LYS A 784 -29.47 -12.44 -15.76
C LYS A 784 -28.53 -12.19 -14.59
N GLU A 785 -27.75 -11.11 -14.64
CA GLU A 785 -26.77 -10.82 -13.57
C GLU A 785 -27.48 -10.58 -12.22
N GLN A 786 -28.55 -9.79 -12.23
CA GLN A 786 -29.29 -9.49 -10.97
C GLN A 786 -29.80 -10.81 -10.35
N ALA A 787 -30.43 -11.65 -11.15
CA ALA A 787 -31.01 -12.91 -10.63
C ALA A 787 -29.91 -13.78 -10.01
N PHE A 788 -28.77 -13.85 -10.68
CA PHE A 788 -27.65 -14.70 -10.20
C PHE A 788 -27.18 -14.22 -8.82
N THR A 789 -26.98 -12.91 -8.67
CA THR A 789 -26.47 -12.36 -7.39
C THR A 789 -27.47 -12.66 -6.29
N ILE A 790 -28.74 -12.33 -6.52
CA ILE A 790 -29.79 -12.53 -5.47
C ILE A 790 -29.89 -14.03 -5.15
N LEU A 791 -29.87 -14.89 -6.17
CA LEU A 791 -30.02 -16.35 -5.95
C LEU A 791 -28.83 -16.86 -5.14
N CYS A 792 -27.62 -16.46 -5.53
CA CYS A 792 -26.39 -16.92 -4.82
C CYS A 792 -26.48 -16.50 -3.34
N ASP A 793 -26.94 -15.27 -3.09
CA ASP A 793 -27.04 -14.76 -1.70
C ASP A 793 -28.15 -15.51 -0.93
N ILE A 794 -29.33 -15.69 -1.54
CA ILE A 794 -30.47 -16.34 -0.83
C ILE A 794 -30.10 -17.81 -0.55
N LEU A 795 -29.32 -18.43 -1.44
CA LEU A 795 -28.95 -19.86 -1.27
C LEU A 795 -27.98 -20.00 -0.09
N MET A 796 -27.13 -19.01 0.14
CA MET A 796 -26.20 -19.05 1.31
C MET A 796 -26.99 -18.83 2.61
N ILE A 797 -27.93 -17.89 2.60
CA ILE A 797 -28.68 -17.55 3.84
C ILE A 797 -29.64 -18.69 4.22
N PHE A 798 -30.27 -19.32 3.23
CA PHE A 798 -31.29 -20.38 3.52
C PHE A 798 -30.66 -21.76 3.35
N SER A 799 -29.36 -21.86 3.63
CA SER A 799 -28.66 -23.16 3.50
C SER A 799 -28.72 -23.96 4.81
N HIS A 800 -27.87 -24.97 4.96
CA HIS A 800 -27.88 -25.83 6.19
C HIS A 800 -27.19 -25.09 7.34
N GLN A 801 -26.53 -23.97 7.04
CA GLN A 801 -25.82 -23.18 8.07
C GLN A 801 -26.85 -22.36 8.87
N ILE A 802 -28.07 -22.25 8.37
CA ILE A 802 -29.16 -21.53 9.09
C ILE A 802 -29.53 -22.35 10.34
N MET A 803 -29.15 -23.63 10.38
CA MET A 803 -29.48 -24.52 11.53
C MET A 803 -28.33 -24.55 12.53
N SER A 804 -27.14 -24.08 12.14
CA SER A 804 -25.97 -24.15 13.04
C SER A 804 -26.12 -23.15 14.18
N GLY A 805 -25.28 -23.26 15.22
CA GLY A 805 -25.29 -22.28 16.32
C GLY A 805 -26.55 -22.35 17.17
N GLY A 806 -27.07 -23.55 17.39
CA GLY A 806 -28.24 -23.71 18.30
C GLY A 806 -29.52 -23.17 17.70
N ARG A 807 -29.57 -22.94 16.40
CA ARG A 807 -30.83 -22.49 15.75
C ARG A 807 -31.49 -23.69 15.08
N ASP A 808 -31.85 -24.71 15.86
CA ASP A 808 -32.41 -25.96 15.28
C ASP A 808 -33.91 -25.77 15.01
N MET A 809 -34.48 -24.63 15.40
CA MET A 809 -35.90 -24.35 15.09
C MET A 809 -36.02 -23.99 13.60
N LEU A 810 -34.90 -23.67 12.95
CA LEU A 810 -34.92 -23.23 11.54
C LEU A 810 -34.64 -24.41 10.59
N GLU A 811 -34.71 -25.64 11.10
CA GLU A 811 -34.54 -26.85 10.23
C GLU A 811 -35.57 -26.86 9.10
N PRO A 812 -36.86 -26.50 9.30
CA PRO A 812 -37.81 -26.47 8.20
C PRO A 812 -37.55 -25.41 7.12
N LEU A 813 -36.60 -24.49 7.34
CA LEU A 813 -36.38 -23.38 6.37
C LEU A 813 -35.15 -23.63 5.48
N VAL A 814 -34.62 -24.86 5.45
CA VAL A 814 -33.38 -25.14 4.67
C VAL A 814 -33.72 -25.42 3.19
N TYR A 815 -33.08 -24.72 2.26
CA TYR A 815 -33.34 -24.90 0.81
C TYR A 815 -32.12 -25.51 0.13
N THR A 816 -32.27 -26.72 -0.43
CA THR A 816 -31.16 -27.38 -1.14
C THR A 816 -31.33 -27.17 -2.63
N PRO A 817 -30.28 -26.76 -3.37
CA PRO A 817 -30.40 -26.48 -4.79
C PRO A 817 -30.43 -27.74 -5.66
N ASP A 818 -31.32 -27.76 -6.64
CA ASP A 818 -31.48 -28.96 -7.53
C ASP A 818 -30.41 -28.94 -8.62
N SER A 819 -30.14 -30.09 -9.24
CA SER A 819 -29.06 -30.18 -10.26
C SER A 819 -29.35 -29.21 -11.41
N SER A 820 -30.64 -29.01 -11.74
CA SER A 820 -31.01 -28.05 -12.82
C SER A 820 -30.45 -26.66 -12.49
N LEU A 821 -30.72 -26.18 -11.27
CA LEU A 821 -30.26 -24.81 -10.91
C LEU A 821 -28.73 -24.78 -10.91
N GLN A 822 -28.10 -25.84 -10.41
CA GLN A 822 -26.62 -25.88 -10.33
C GLN A 822 -26.05 -25.78 -11.75
N SER A 823 -26.62 -26.52 -12.70
CA SER A 823 -26.15 -26.49 -14.11
C SER A 823 -26.38 -25.09 -14.69
N GLU A 824 -27.53 -24.48 -14.42
CA GLU A 824 -27.86 -23.15 -15.00
C GLU A 824 -26.89 -22.09 -14.46
N LEU A 825 -26.55 -22.17 -13.17
CA LEU A 825 -25.63 -21.18 -12.54
C LEU A 825 -24.23 -21.31 -13.18
N LEU A 826 -23.79 -22.55 -13.43
CA LEU A 826 -22.45 -22.76 -14.04
C LEU A 826 -22.46 -22.21 -15.47
N SER A 827 -23.55 -22.40 -16.21
CA SER A 827 -23.65 -21.87 -17.59
C SER A 827 -23.45 -20.35 -17.60
N PHE A 828 -24.06 -19.64 -16.64
CA PHE A 828 -23.94 -18.16 -16.57
C PHE A 828 -22.47 -17.79 -16.37
N ILE A 829 -21.80 -18.45 -15.43
CA ILE A 829 -20.38 -18.12 -15.13
C ILE A 829 -19.54 -18.35 -16.39
N LEU A 830 -19.76 -19.48 -17.08
CA LEU A 830 -18.92 -19.83 -18.24
C LEU A 830 -19.20 -18.91 -19.43
N ASP A 831 -20.23 -18.06 -19.33
CA ASP A 831 -20.61 -17.20 -20.48
C ASP A 831 -20.41 -15.72 -20.15
N HIS A 832 -20.54 -15.34 -18.88
CA HIS A 832 -20.48 -13.88 -18.52
C HIS A 832 -19.27 -13.56 -17.63
N VAL A 833 -18.51 -14.57 -17.22
CA VAL A 833 -17.26 -14.28 -16.43
C VAL A 833 -16.04 -14.58 -17.32
N PHE A 834 -15.93 -15.81 -17.81
CA PHE A 834 -14.79 -16.19 -18.69
C PHE A 834 -15.12 -15.81 -20.12
N ILE A 835 -15.13 -14.51 -20.41
CA ILE A 835 -15.50 -14.00 -21.77
C ILE A 835 -14.26 -14.03 -22.67
N GLU A 836 -14.46 -13.79 -23.98
CA GLU A 836 -13.33 -13.86 -24.93
C GLU A 836 -12.40 -12.65 -24.73
N GLN A 837 -11.12 -12.91 -24.52
CA GLN A 837 -10.13 -11.83 -24.26
C GLN A 837 -9.62 -11.27 -25.60
N ALA A 852 -11.36 2.30 -18.15
CA ALA A 852 -12.31 2.71 -17.10
C ALA A 852 -13.48 1.72 -17.04
N SER A 853 -14.22 1.59 -18.14
CA SER A 853 -15.32 0.58 -18.18
C SER A 853 -14.70 -0.82 -18.07
N LYS A 854 -13.54 -1.01 -18.67
CA LYS A 854 -12.84 -2.31 -18.56
C LYS A 854 -12.56 -2.61 -17.08
N ILE A 855 -12.01 -1.64 -16.34
CA ILE A 855 -11.63 -1.91 -14.91
C ILE A 855 -12.91 -2.12 -14.10
N GLU A 856 -13.98 -1.40 -14.43
CA GLU A 856 -15.28 -1.57 -13.72
C GLU A 856 -15.87 -2.96 -14.04
N ALA A 857 -15.87 -3.35 -15.31
CA ALA A 857 -16.42 -4.67 -15.71
C ALA A 857 -15.61 -5.76 -15.02
N LEU A 858 -14.30 -5.54 -14.87
CA LEU A 858 -13.46 -6.53 -14.15
C LEU A 858 -14.02 -6.71 -12.74
N HIS A 859 -14.24 -5.61 -12.02
CA HIS A 859 -14.71 -5.70 -10.61
C HIS A 859 -16.08 -6.37 -10.54
N LYS A 860 -16.98 -6.06 -11.48
CA LYS A 860 -18.32 -6.72 -11.51
C LYS A 860 -18.16 -8.23 -11.76
N ARG A 861 -17.29 -8.63 -12.69
CA ARG A 861 -17.14 -10.07 -13.04
C ARG A 861 -16.45 -10.79 -11.88
N ARG A 862 -15.51 -10.10 -11.21
CA ARG A 862 -14.85 -10.69 -10.02
C ARG A 862 -15.89 -10.94 -8.92
N ASN A 863 -16.83 -10.00 -8.73
CA ASN A 863 -17.90 -10.17 -7.72
C ASN A 863 -18.73 -11.40 -8.07
N LEU A 864 -19.15 -11.52 -9.34
CA LEU A 864 -20.01 -12.65 -9.75
C LEU A 864 -19.27 -13.98 -9.50
N LEU A 865 -17.97 -14.00 -9.77
CA LEU A 865 -17.18 -15.26 -9.60
C LEU A 865 -17.09 -15.58 -8.09
N ALA A 866 -16.86 -14.56 -7.27
CA ALA A 866 -16.75 -14.75 -5.81
C ALA A 866 -18.04 -15.39 -5.28
N ALA A 867 -19.19 -14.91 -5.77
CA ALA A 867 -20.49 -15.47 -5.34
C ALA A 867 -20.53 -16.98 -5.57
N PHE A 868 -20.20 -17.43 -6.78
CA PHE A 868 -20.29 -18.88 -7.09
C PHE A 868 -19.26 -19.62 -6.26
N CYS A 869 -18.06 -19.05 -6.15
CA CYS A 869 -16.97 -19.72 -5.40
C CYS A 869 -17.37 -19.83 -3.91
N LYS A 870 -18.11 -18.85 -3.40
CA LYS A 870 -18.60 -18.92 -2.00
C LYS A 870 -19.50 -20.15 -1.84
N LEU A 871 -20.35 -20.41 -2.84
CA LEU A 871 -21.29 -21.57 -2.75
C LEU A 871 -20.49 -22.88 -2.74
N ILE A 872 -19.34 -22.92 -3.42
CA ILE A 872 -18.53 -24.18 -3.50
C ILE A 872 -17.77 -24.38 -2.18
N VAL A 873 -17.29 -23.29 -1.58
CA VAL A 873 -16.48 -23.39 -0.33
C VAL A 873 -17.42 -23.66 0.87
N TYR A 874 -18.70 -23.29 0.75
CA TYR A 874 -19.67 -23.49 1.86
C TYR A 874 -20.53 -24.71 1.55
N THR A 875 -20.06 -25.59 0.67
CA THR A 875 -20.76 -26.86 0.33
C THR A 875 -22.23 -26.63 0.02
N VAL A 876 -22.57 -25.52 -0.62
CA VAL A 876 -23.98 -25.32 -1.06
C VAL A 876 -24.14 -26.05 -2.41
N VAL A 877 -23.17 -25.88 -3.30
CA VAL A 877 -23.21 -26.55 -4.64
C VAL A 877 -22.12 -27.64 -4.66
N GLU A 878 -22.28 -28.65 -5.53
CA GLU A 878 -21.30 -29.78 -5.62
C GLU A 878 -19.90 -29.26 -5.99
N MET A 879 -18.85 -29.96 -5.56
CA MET A 879 -17.46 -29.48 -5.82
C MET A 879 -17.04 -29.84 -7.25
N ASN A 880 -17.78 -30.73 -7.90
CA ASN A 880 -17.49 -31.11 -9.32
C ASN A 880 -17.74 -29.90 -10.23
N THR A 881 -18.45 -28.89 -9.73
CA THR A 881 -18.80 -27.70 -10.55
C THR A 881 -17.61 -26.77 -10.62
N ALA A 882 -16.62 -26.96 -9.76
CA ALA A 882 -15.45 -26.05 -9.70
C ALA A 882 -14.48 -26.38 -10.82
N ALA A 883 -14.69 -27.49 -11.52
CA ALA A 883 -13.74 -27.93 -12.57
C ALA A 883 -13.61 -26.85 -13.63
N ASP A 884 -14.72 -26.23 -14.01
CA ASP A 884 -14.68 -25.24 -15.11
C ASP A 884 -13.85 -24.02 -14.66
N ILE A 885 -14.06 -23.56 -13.44
CA ILE A 885 -13.29 -22.39 -12.91
C ILE A 885 -11.82 -22.81 -12.76
N PHE A 886 -11.55 -24.01 -12.25
CA PHE A 886 -10.15 -24.45 -11.97
C PHE A 886 -9.36 -24.51 -13.29
N LYS A 887 -9.99 -24.95 -14.38
CA LYS A 887 -9.29 -25.06 -15.68
C LYS A 887 -8.94 -23.66 -16.22
N GLN A 888 -9.66 -22.63 -15.77
CA GLN A 888 -9.41 -21.26 -16.28
C GLN A 888 -8.42 -20.51 -15.36
N TYR A 889 -7.68 -21.24 -14.50
CA TYR A 889 -6.65 -20.61 -13.62
C TYR A 889 -5.68 -19.85 -14.50
N MET A 890 -4.84 -20.55 -15.27
CA MET A 890 -3.77 -19.83 -16.02
C MET A 890 -4.33 -18.86 -17.07
N LYS A 891 -5.33 -19.25 -17.86
CA LYS A 891 -5.81 -18.38 -18.96
C LYS A 891 -6.29 -17.02 -18.41
N TYR A 892 -6.91 -17.01 -17.23
CA TYR A 892 -7.42 -15.76 -16.62
C TYR A 892 -6.77 -15.55 -15.25
N TYR A 893 -5.44 -15.62 -15.19
CA TYR A 893 -4.72 -15.49 -13.89
C TYR A 893 -4.63 -14.03 -13.48
N ASN A 894 -4.35 -13.15 -14.44
CA ASN A 894 -4.20 -11.70 -14.14
C ASN A 894 -5.54 -11.12 -13.69
N ASP A 895 -6.65 -11.77 -14.03
CA ASP A 895 -7.98 -11.18 -13.73
C ASP A 895 -8.67 -11.89 -12.56
N TYR A 896 -8.72 -13.22 -12.55
CA TYR A 896 -9.49 -13.94 -11.50
C TYR A 896 -8.62 -14.91 -10.71
N GLY A 897 -7.31 -14.88 -10.91
CA GLY A 897 -6.40 -15.86 -10.27
C GLY A 897 -6.54 -15.91 -8.76
N ASP A 898 -6.68 -14.75 -8.12
CA ASP A 898 -6.78 -14.69 -6.63
C ASP A 898 -8.04 -15.44 -6.17
N ILE A 899 -9.17 -15.17 -6.81
CA ILE A 899 -10.46 -15.84 -6.43
C ILE A 899 -10.29 -17.35 -6.62
N ILE A 900 -9.76 -17.77 -7.76
CA ILE A 900 -9.61 -19.24 -8.06
C ILE A 900 -8.66 -19.86 -7.02
N LYS A 901 -7.57 -19.18 -6.68
CA LYS A 901 -6.57 -19.74 -5.73
C LYS A 901 -7.22 -19.87 -4.34
N GLU A 902 -7.98 -18.86 -3.92
CA GLU A 902 -8.66 -18.92 -2.61
C GLU A 902 -9.63 -20.12 -2.63
N THR A 903 -10.39 -20.24 -3.72
CA THR A 903 -11.37 -21.35 -3.83
C THR A 903 -10.63 -22.67 -3.71
N MET A 904 -9.51 -22.83 -4.41
CA MET A 904 -8.76 -24.11 -4.40
C MET A 904 -8.28 -24.41 -2.97
N SER A 905 -7.73 -23.41 -2.30
CA SER A 905 -7.23 -23.59 -0.91
C SER A 905 -8.38 -23.96 0.02
N LYS A 906 -9.48 -23.20 -0.05
CA LYS A 906 -10.65 -23.46 0.84
C LYS A 906 -11.18 -24.87 0.59
N THR A 907 -11.31 -25.26 -0.69
CA THR A 907 -11.88 -26.58 -1.01
C THR A 907 -10.96 -27.68 -0.50
N ARG A 908 -9.65 -27.45 -0.51
CA ARG A 908 -8.69 -28.48 -0.06
C ARG A 908 -8.93 -28.77 1.42
N GLN A 909 -9.30 -27.73 2.18
CA GLN A 909 -9.60 -27.89 3.62
C GLN A 909 -10.93 -28.66 3.80
N ILE A 910 -11.93 -28.36 2.98
CA ILE A 910 -13.23 -29.10 3.04
C ILE A 910 -12.98 -30.59 2.72
N ASP A 911 -12.36 -30.89 1.58
CA ASP A 911 -12.01 -32.31 1.23
C ASP A 911 -10.89 -32.33 0.19
N LYS A 912 -9.70 -32.78 0.59
CA LYS A 912 -8.54 -32.86 -0.34
C LYS A 912 -8.81 -33.88 -1.45
N ILE A 913 -9.42 -35.02 -1.10
CA ILE A 913 -9.65 -36.11 -2.11
C ILE A 913 -10.60 -35.58 -3.20
N GLN A 914 -11.67 -34.90 -2.82
CA GLN A 914 -12.65 -34.37 -3.80
C GLN A 914 -11.97 -33.30 -4.67
N CYS A 915 -11.14 -32.46 -4.05
CA CYS A 915 -10.43 -31.39 -4.80
C CYS A 915 -9.48 -32.03 -5.82
N ALA A 916 -8.78 -33.09 -5.41
CA ALA A 916 -7.89 -33.81 -6.35
C ALA A 916 -8.68 -34.24 -7.57
N LYS A 917 -9.85 -34.85 -7.34
CA LYS A 917 -10.69 -35.34 -8.46
C LYS A 917 -11.19 -34.17 -9.32
N THR A 918 -11.53 -33.05 -8.68
CA THR A 918 -12.03 -31.86 -9.43
C THR A 918 -10.93 -31.34 -10.33
N LEU A 919 -9.69 -31.29 -9.83
CA LEU A 919 -8.55 -30.76 -10.62
C LEU A 919 -8.33 -31.65 -11.86
N ILE A 920 -8.37 -32.97 -11.68
CA ILE A 920 -8.08 -33.87 -12.84
C ILE A 920 -9.17 -33.64 -13.91
N LEU A 921 -10.42 -33.44 -13.48
CA LEU A 921 -11.53 -33.25 -14.45
C LEU A 921 -11.24 -31.99 -15.29
N SER A 922 -10.75 -30.92 -14.66
CA SER A 922 -10.46 -29.66 -15.39
C SER A 922 -9.39 -29.91 -16.46
N LEU A 923 -8.30 -30.58 -16.08
CA LEU A 923 -7.22 -30.90 -17.06
C LEU A 923 -7.78 -31.89 -18.10
N GLN A 924 -8.59 -32.85 -17.66
CA GLN A 924 -9.25 -33.81 -18.59
C GLN A 924 -10.11 -33.03 -19.60
N GLN A 925 -10.84 -32.02 -19.11
CA GLN A 925 -11.74 -31.23 -19.99
C GLN A 925 -10.95 -30.43 -21.03
N LEU A 926 -9.83 -29.81 -20.63
CA LEU A 926 -9.05 -28.96 -21.57
C LEU A 926 -8.44 -29.86 -22.67
N PHE A 927 -8.10 -31.11 -22.32
CA PHE A 927 -7.53 -32.05 -23.31
C PHE A 927 -8.61 -32.45 -24.30
N ASN A 928 -9.82 -32.70 -23.79
CA ASN A 928 -10.94 -33.03 -24.70
C ASN A 928 -11.17 -31.90 -25.70
N GLU A 929 -11.00 -30.64 -25.28
CA GLU A 929 -11.26 -29.49 -26.19
C GLU A 929 -10.19 -29.45 -27.29
N MET A 930 -8.94 -29.74 -26.95
CA MET A 930 -7.84 -29.78 -27.96
C MET A 930 -8.11 -30.89 -28.98
N ILE A 931 -8.50 -32.08 -28.50
CA ILE A 931 -8.73 -33.24 -29.42
C ILE A 931 -10.05 -33.02 -30.19
N GLN A 932 -10.84 -32.02 -29.81
CA GLN A 932 -12.07 -31.69 -30.58
C GLN A 932 -11.68 -30.76 -31.73
N GLU A 933 -10.62 -29.97 -31.56
CA GLU A 933 -10.15 -29.05 -32.63
C GLU A 933 -8.94 -29.68 -33.34
N ASN A 934 -7.78 -29.68 -32.71
CA ASN A 934 -6.54 -30.21 -33.34
C ASN A 934 -6.78 -31.66 -33.77
N GLY A 935 -7.72 -32.34 -33.12
CA GLY A 935 -8.03 -33.73 -33.47
C GLY A 935 -7.06 -34.69 -32.81
N TYR A 936 -7.26 -36.00 -33.01
CA TYR A 936 -6.40 -37.01 -32.36
C TYR A 936 -4.96 -36.87 -32.87
N ASN A 937 -4.80 -36.52 -34.15
CA ASN A 937 -3.45 -36.39 -34.74
C ASN A 937 -2.93 -34.97 -34.43
N PHE A 938 -2.50 -34.74 -33.19
CA PHE A 938 -2.05 -33.38 -32.80
C PHE A 938 -0.58 -33.43 -32.42
N ASP A 939 0.11 -32.30 -32.56
CA ASP A 939 1.56 -32.25 -32.24
C ASP A 939 1.75 -32.10 -30.72
N ARG A 940 2.70 -32.85 -30.15
CA ARG A 940 2.98 -32.78 -28.69
C ARG A 940 3.89 -31.60 -28.39
N SER A 941 4.12 -30.72 -29.37
CA SER A 941 4.90 -29.48 -29.13
C SER A 941 3.97 -28.26 -29.29
N SER A 942 2.68 -28.50 -29.50
CA SER A 942 1.72 -27.39 -29.73
C SER A 942 1.61 -26.52 -28.48
N SER A 943 1.26 -25.24 -28.66
CA SER A 943 1.09 -24.34 -27.50
C SER A 943 -0.05 -24.83 -26.60
N THR A 944 -1.15 -25.33 -27.18
CA THR A 944 -2.32 -25.73 -26.38
C THR A 944 -1.93 -26.84 -25.42
N PHE A 945 -1.28 -27.89 -25.93
CA PHE A 945 -0.81 -28.98 -25.04
C PHE A 945 0.17 -28.38 -24.03
N SER A 946 1.07 -27.51 -24.49
CA SER A 946 2.11 -26.95 -23.57
C SER A 946 1.45 -26.11 -22.48
N GLY A 947 0.41 -25.35 -22.82
CA GLY A 947 -0.34 -24.58 -21.80
C GLY A 947 -1.04 -25.51 -20.84
N ILE A 948 -1.64 -26.58 -21.36
CA ILE A 948 -2.33 -27.58 -20.49
C ILE A 948 -1.27 -28.20 -19.57
N LYS A 949 -0.08 -28.47 -20.10
CA LYS A 949 1.01 -29.07 -19.30
C LYS A 949 1.43 -28.08 -18.19
N GLU A 950 1.29 -26.78 -18.43
CA GLU A 950 1.69 -25.75 -17.43
C GLU A 950 0.70 -25.68 -16.25
N LEU A 951 -0.60 -25.79 -16.49
CA LEU A 951 -1.57 -25.81 -15.36
C LEU A 951 -1.26 -27.01 -14.44
N ALA A 952 -0.89 -28.15 -15.02
CA ALA A 952 -0.58 -29.35 -14.21
C ALA A 952 0.57 -29.03 -13.26
N ARG A 953 1.58 -28.32 -13.74
CA ARG A 953 2.74 -27.94 -12.90
C ARG A 953 2.26 -27.08 -11.73
N ARG A 954 1.44 -26.06 -12.02
CA ARG A 954 0.94 -25.15 -10.95
C ARG A 954 0.08 -25.92 -9.94
N PHE A 955 -0.79 -26.82 -10.43
CA PHE A 955 -1.71 -27.57 -9.52
C PHE A 955 -0.88 -28.51 -8.66
N ALA A 956 0.16 -29.10 -9.24
CA ALA A 956 1.05 -30.00 -8.48
C ALA A 956 1.66 -29.21 -7.32
N LEU A 957 2.01 -27.95 -7.58
CA LEU A 957 2.64 -27.10 -6.54
C LEU A 957 1.67 -26.86 -5.37
N THR A 958 0.36 -26.98 -5.60
CA THR A 958 -0.62 -26.69 -4.53
C THR A 958 -0.91 -27.92 -3.69
N PHE A 959 -0.30 -29.07 -4.03
CA PHE A 959 -0.48 -30.29 -3.20
C PHE A 959 0.75 -30.50 -2.32
N GLY A 960 1.83 -29.77 -2.59
CA GLY A 960 3.09 -30.00 -1.86
C GLY A 960 2.90 -29.91 -0.37
N LEU A 961 2.10 -28.94 0.10
CA LEU A 961 1.92 -28.75 1.56
C LEU A 961 1.50 -30.08 2.21
N ASP A 962 2.10 -30.42 3.35
CA ASP A 962 1.70 -31.65 4.09
C ASP A 962 1.82 -32.87 3.18
N GLN A 963 3.03 -33.18 2.74
CA GLN A 963 3.21 -34.31 1.78
C GLN A 963 2.75 -35.62 2.45
N LEU A 964 2.87 -35.73 3.78
CA LEU A 964 2.54 -37.01 4.46
C LEU A 964 1.04 -37.06 4.77
N LYS A 965 0.32 -35.97 4.51
CA LYS A 965 -1.13 -35.92 4.83
C LYS A 965 -1.95 -35.95 3.53
N THR A 966 -1.32 -35.80 2.37
CA THR A 966 -2.07 -35.72 1.09
C THR A 966 -1.89 -36.99 0.31
N ARG A 967 -1.55 -38.10 0.97
CA ARG A 967 -1.28 -39.37 0.26
C ARG A 967 -2.50 -39.83 -0.54
N GLU A 968 -3.68 -39.83 0.07
CA GLU A 968 -4.90 -40.36 -0.61
C GLU A 968 -5.30 -39.46 -1.80
N ALA A 969 -5.18 -38.14 -1.66
CA ALA A 969 -5.60 -37.22 -2.74
C ALA A 969 -4.75 -37.44 -3.98
N ILE A 970 -3.42 -37.44 -3.81
CA ILE A 970 -2.53 -37.56 -5.01
C ILE A 970 -2.72 -38.96 -5.62
N ALA A 971 -2.92 -39.97 -4.78
CA ALA A 971 -3.10 -41.35 -5.28
C ALA A 971 -4.38 -41.41 -6.13
N MET A 972 -5.44 -40.73 -5.66
CA MET A 972 -6.71 -40.70 -6.41
C MET A 972 -6.47 -39.99 -7.75
N LEU A 973 -5.79 -38.84 -7.73
CA LEU A 973 -5.52 -38.08 -8.98
C LEU A 973 -4.99 -39.06 -10.03
N HIS A 974 -3.92 -39.77 -9.69
CA HIS A 974 -3.28 -40.68 -10.67
C HIS A 974 -4.28 -41.75 -11.11
N LYS A 975 -4.94 -42.40 -10.16
CA LYS A 975 -5.89 -43.50 -10.51
C LYS A 975 -7.01 -42.94 -11.40
N ASP A 976 -7.47 -41.71 -11.13
CA ASP A 976 -8.57 -41.11 -11.92
C ASP A 976 -8.09 -40.79 -13.34
N GLY A 977 -6.85 -40.29 -13.47
CA GLY A 977 -6.32 -39.90 -14.79
C GLY A 977 -5.86 -41.10 -15.60
N ILE A 978 -5.34 -42.13 -14.92
CA ILE A 978 -4.88 -43.37 -15.63
C ILE A 978 -6.07 -43.95 -16.41
N GLU A 979 -7.25 -43.96 -15.79
CA GLU A 979 -8.44 -44.58 -16.44
C GLU A 979 -8.96 -43.68 -17.58
N PHE A 980 -8.77 -42.36 -17.51
CA PHE A 980 -9.17 -41.46 -18.63
C PHE A 980 -8.25 -41.70 -19.83
N ALA A 981 -6.96 -41.85 -19.56
CA ALA A 981 -5.99 -42.08 -20.66
C ALA A 981 -6.35 -43.38 -21.36
N PHE A 982 -6.53 -44.45 -20.58
CA PHE A 982 -6.93 -45.75 -21.15
C PHE A 982 -8.45 -45.87 -21.04
N LYS A 983 -9.19 -45.32 -22.00
CA LYS A 983 -10.67 -45.32 -21.93
C LYS A 983 -11.26 -45.65 -23.30
N GLU A 984 -11.08 -44.77 -24.28
CA GLU A 984 -11.56 -45.04 -25.66
C GLU A 984 -10.48 -45.85 -26.39
N PRO A 985 -10.77 -47.11 -26.84
CA PRO A 985 -9.75 -47.93 -27.48
C PRO A 985 -9.52 -47.50 -28.91
N ASN A 986 -8.38 -47.90 -29.49
CA ASN A 986 -8.04 -47.44 -30.87
C ASN A 986 -8.96 -48.14 -31.88
N PRO A 987 -9.81 -47.40 -32.62
CA PRO A 987 -10.75 -48.01 -33.55
C PRO A 987 -10.03 -48.65 -34.71
N GLN A 988 -8.83 -48.14 -35.03
CA GLN A 988 -8.02 -48.72 -36.13
C GLN A 988 -7.66 -50.17 -35.78
N GLY A 989 -7.20 -50.39 -34.55
CA GLY A 989 -6.80 -51.76 -34.15
C GLY A 989 -6.50 -51.84 -32.66
N GLU A 990 -6.47 -53.05 -32.12
CA GLU A 990 -6.16 -53.25 -30.68
C GLU A 990 -4.63 -53.27 -30.49
N SER A 991 -3.89 -52.79 -31.50
CA SER A 991 -2.41 -52.69 -31.37
C SER A 991 -1.99 -51.22 -31.48
N HIS A 992 -2.70 -50.43 -32.28
CA HIS A 992 -2.39 -48.97 -32.40
C HIS A 992 -2.66 -48.31 -31.05
N PRO A 993 -1.85 -47.33 -30.62
CA PRO A 993 -1.99 -46.75 -29.28
C PRO A 993 -3.39 -46.26 -28.94
N PRO A 994 -3.80 -46.34 -27.66
CA PRO A 994 -5.14 -45.93 -27.25
C PRO A 994 -5.36 -44.45 -27.48
N LEU A 995 -6.61 -44.08 -27.74
CA LEU A 995 -6.94 -42.64 -27.93
C LEU A 995 -6.69 -41.92 -26.61
N ASN A 996 -6.31 -40.64 -26.65
CA ASN A 996 -6.14 -39.86 -25.40
C ASN A 996 -4.97 -40.39 -24.59
N LEU A 997 -4.28 -41.44 -25.06
CA LEU A 997 -3.08 -41.90 -24.31
C LEU A 997 -2.20 -40.68 -24.06
N ALA A 998 -2.25 -39.67 -24.93
CA ALA A 998 -1.38 -38.48 -24.80
C ALA A 998 -1.68 -37.75 -23.49
N PHE A 999 -2.89 -37.91 -22.94
CA PHE A 999 -3.27 -37.19 -21.69
C PHE A 999 -2.28 -37.49 -20.57
N LEU A 1000 -1.72 -38.71 -20.54
CA LEU A 1000 -0.83 -39.05 -19.39
C LEU A 1000 0.43 -38.17 -19.44
N ASP A 1001 0.70 -37.49 -20.56
CA ASP A 1001 1.83 -36.52 -20.60
C ASP A 1001 1.53 -35.39 -19.62
N ILE A 1002 0.25 -35.00 -19.50
CA ILE A 1002 -0.14 -33.96 -18.50
C ILE A 1002 0.01 -34.52 -17.08
N LEU A 1003 -0.30 -35.80 -16.87
CA LEU A 1003 -0.24 -36.40 -15.51
C LEU A 1003 1.22 -36.55 -15.05
N SER A 1004 2.14 -36.73 -15.98
CA SER A 1004 3.57 -36.93 -15.63
C SER A 1004 4.03 -35.86 -14.63
N GLU A 1005 3.42 -34.67 -14.67
CA GLU A 1005 3.81 -33.55 -13.76
C GLU A 1005 3.59 -33.91 -12.28
N PHE A 1006 2.53 -34.67 -11.97
CA PHE A 1006 2.21 -34.98 -10.54
C PHE A 1006 3.00 -36.21 -10.08
N SER A 1007 3.74 -36.85 -10.99
CA SER A 1007 4.51 -38.07 -10.64
C SER A 1007 5.51 -37.81 -9.52
N SER A 1008 5.95 -36.57 -9.35
CA SER A 1008 6.95 -36.22 -8.29
C SER A 1008 6.30 -36.24 -6.90
N LYS A 1009 5.08 -35.72 -6.77
CA LYS A 1009 4.43 -35.59 -5.44
C LYS A 1009 4.18 -36.97 -4.82
N LEU A 1010 4.06 -38.01 -5.65
CA LEU A 1010 3.75 -39.37 -5.12
C LEU A 1010 4.93 -39.83 -4.25
N LEU A 1011 4.64 -40.26 -3.02
CA LEU A 1011 5.73 -40.83 -2.18
C LEU A 1011 6.18 -42.14 -2.85
N ARG A 1012 7.45 -42.52 -2.69
CA ARG A 1012 7.96 -43.73 -3.39
C ARG A 1012 7.02 -44.93 -3.17
N GLN A 1013 6.49 -45.07 -1.96
CA GLN A 1013 5.60 -46.22 -1.65
C GLN A 1013 4.31 -46.08 -2.48
N ASP A 1014 3.82 -44.84 -2.65
CA ASP A 1014 2.61 -44.60 -3.47
C ASP A 1014 2.94 -44.84 -4.94
N LYS A 1015 4.20 -44.60 -5.32
CA LYS A 1015 4.62 -44.80 -6.74
C LYS A 1015 4.39 -46.25 -7.15
N ARG A 1016 4.84 -47.20 -6.34
CA ARG A 1016 4.70 -48.63 -6.70
C ARG A 1016 3.22 -48.95 -6.94
N THR A 1017 2.34 -48.49 -6.05
CA THR A 1017 0.91 -48.85 -6.15
C THR A 1017 0.30 -48.31 -7.42
N VAL A 1018 0.63 -47.07 -7.83
CA VAL A 1018 -0.05 -46.47 -9.02
C VAL A 1018 0.37 -47.25 -10.28
N TYR A 1019 1.62 -47.72 -10.34
CA TYR A 1019 2.07 -48.56 -11.49
C TYR A 1019 1.25 -49.86 -11.50
N VAL A 1020 0.95 -50.40 -10.32
CA VAL A 1020 0.09 -51.62 -10.28
C VAL A 1020 -1.26 -51.30 -10.93
N TYR A 1021 -1.80 -50.10 -10.66
CA TYR A 1021 -3.07 -49.68 -11.30
C TYR A 1021 -2.85 -49.54 -12.82
N LEU A 1022 -1.66 -49.10 -13.22
CA LEU A 1022 -1.34 -48.94 -14.67
C LEU A 1022 -1.34 -50.33 -15.33
N GLU A 1023 -0.78 -51.33 -14.66
CA GLU A 1023 -0.67 -52.69 -15.27
C GLU A 1023 -2.06 -53.16 -15.70
N LYS A 1024 -3.10 -52.79 -14.95
CA LYS A 1024 -4.47 -53.26 -15.26
C LYS A 1024 -4.96 -52.65 -16.59
N PHE A 1025 -4.43 -51.50 -16.98
CA PHE A 1025 -4.86 -50.82 -18.24
C PHE A 1025 -3.73 -50.84 -19.27
N MET A 1026 -2.85 -51.85 -19.21
CA MET A 1026 -1.68 -51.91 -20.13
C MET A 1026 -1.25 -53.37 -20.30
N THR A 1027 -1.18 -53.85 -21.55
CA THR A 1027 -0.70 -55.24 -21.79
C THR A 1027 0.80 -55.24 -21.92
N PHE A 1028 1.43 -56.41 -21.78
CA PHE A 1028 2.90 -56.51 -21.99
C PHE A 1028 3.16 -56.23 -23.46
N GLN A 1029 2.18 -56.51 -24.31
CA GLN A 1029 2.32 -56.17 -25.75
C GLN A 1029 2.32 -54.63 -25.84
N MET A 1030 1.46 -53.98 -25.06
CA MET A 1030 1.41 -52.49 -25.06
C MET A 1030 2.79 -51.98 -24.67
N SER A 1031 3.54 -52.75 -23.88
CA SER A 1031 4.93 -52.36 -23.51
C SER A 1031 5.86 -52.57 -24.71
N LEU A 1032 5.59 -51.90 -25.83
CA LEU A 1032 6.48 -51.96 -27.02
C LEU A 1032 7.12 -50.58 -27.17
N ARG A 1033 8.40 -50.51 -27.58
CA ARG A 1033 9.10 -49.20 -27.65
C ARG A 1033 8.93 -48.56 -29.02
N ARG A 1034 8.21 -47.44 -29.10
CA ARG A 1034 8.00 -46.71 -30.37
C ARG A 1034 7.72 -45.23 -30.07
N GLU A 1035 8.06 -44.34 -30.99
CA GLU A 1035 7.73 -42.91 -30.83
C GLU A 1035 6.31 -42.74 -31.37
N ASP A 1036 5.76 -43.82 -31.92
CA ASP A 1036 4.42 -43.77 -32.53
C ASP A 1036 3.38 -43.66 -31.42
N VAL A 1037 3.37 -42.53 -30.72
CA VAL A 1037 2.37 -42.28 -29.63
C VAL A 1037 2.61 -43.29 -28.49
N TRP A 1038 3.59 -44.19 -28.65
CA TRP A 1038 3.92 -45.12 -27.55
C TRP A 1038 4.92 -44.43 -26.61
N LEU A 1039 5.57 -43.37 -27.10
CA LEU A 1039 6.54 -42.59 -26.28
C LEU A 1039 5.81 -41.88 -25.12
N PRO A 1040 4.64 -41.22 -25.31
CA PRO A 1040 3.92 -40.64 -24.18
C PRO A 1040 3.88 -41.54 -22.95
N LEU A 1041 3.33 -42.74 -23.10
CA LEU A 1041 3.21 -43.69 -21.95
C LEU A 1041 4.61 -43.98 -21.37
N MET A 1042 5.61 -44.18 -22.23
CA MET A 1042 6.98 -44.50 -21.75
C MET A 1042 7.40 -43.46 -20.71
N SER A 1043 7.09 -42.19 -20.95
CA SER A 1043 7.47 -41.09 -20.03
C SER A 1043 6.83 -41.31 -18.65
N TYR A 1044 5.51 -41.56 -18.62
CA TYR A 1044 4.79 -41.71 -17.33
C TYR A 1044 5.32 -42.95 -16.62
N ARG A 1045 5.55 -44.03 -17.38
CA ARG A 1045 6.16 -45.23 -16.77
C ARG A 1045 7.54 -44.84 -16.20
N ASN A 1046 8.34 -44.11 -16.96
CA ASN A 1046 9.71 -43.73 -16.53
C ASN A 1046 9.62 -42.75 -15.34
N SER A 1047 8.62 -41.87 -15.32
CA SER A 1047 8.44 -40.95 -14.17
C SER A 1047 8.19 -41.76 -12.88
N LEU A 1048 7.37 -42.81 -12.96
CA LEU A 1048 7.00 -43.58 -11.73
C LEU A 1048 8.10 -44.60 -11.41
N LEU A 1049 8.83 -45.06 -12.42
CA LEU A 1049 9.87 -46.10 -12.21
C LEU A 1049 11.04 -45.49 -11.41
N ALA A 1050 11.27 -44.19 -11.54
CA ALA A 1050 12.34 -43.52 -10.76
C ALA A 1050 12.04 -42.02 -10.67
N ARG B 13 40.61 -17.44 1.82
CA ARG B 13 40.37 -16.99 3.22
C ARG B 13 39.07 -16.18 3.28
N LYS B 14 38.47 -16.07 4.46
CA LYS B 14 37.17 -15.38 4.60
C LYS B 14 37.34 -13.85 4.61
N LEU B 15 38.58 -13.37 4.63
CA LEU B 15 38.83 -11.90 4.69
C LEU B 15 38.32 -11.26 3.40
N ILE B 16 37.44 -10.26 3.51
CA ILE B 16 36.86 -9.63 2.30
C ILE B 16 37.95 -8.80 1.61
N VAL B 17 38.71 -9.40 0.70
CA VAL B 17 39.73 -8.63 -0.07
C VAL B 17 39.08 -8.16 -1.39
N ASP B 18 39.15 -6.87 -1.69
CA ASP B 18 38.48 -6.33 -2.90
C ASP B 18 39.50 -5.91 -3.95
N SER B 19 39.42 -6.47 -5.16
CA SER B 19 40.35 -6.09 -6.26
C SER B 19 39.96 -4.73 -6.83
N VAL B 20 38.69 -4.53 -7.19
CA VAL B 20 38.23 -3.19 -7.65
C VAL B 20 37.92 -2.35 -6.41
N LYS B 21 38.72 -1.31 -6.14
CA LYS B 21 38.53 -0.52 -4.91
C LYS B 21 37.75 0.76 -5.23
N GLU B 22 37.72 1.15 -6.51
CA GLU B 22 37.05 2.41 -6.88
C GLU B 22 36.18 2.21 -8.11
N LEU B 23 35.39 3.22 -8.46
CA LEU B 23 34.56 3.16 -9.68
C LEU B 23 35.38 3.71 -10.85
N ASP B 24 35.08 3.28 -12.07
CA ASP B 24 35.80 3.77 -13.29
C ASP B 24 35.25 5.13 -13.69
N SER B 25 36.04 5.91 -14.42
CA SER B 25 35.60 7.28 -14.81
C SER B 25 34.48 7.19 -15.85
N LYS B 26 34.48 6.15 -16.68
CA LYS B 26 33.35 5.96 -17.64
C LYS B 26 32.05 5.69 -16.88
N THR B 27 32.13 4.90 -15.80
CA THR B 27 30.92 4.63 -14.98
C THR B 27 30.45 5.93 -14.37
N ILE B 28 31.38 6.76 -13.87
CA ILE B 28 31.00 8.06 -13.25
C ILE B 28 30.40 8.96 -14.34
N ARG B 29 31.04 9.03 -15.50
CA ARG B 29 30.54 9.87 -16.62
C ARG B 29 29.16 9.38 -17.08
N ALA B 30 28.99 8.05 -17.18
CA ALA B 30 27.70 7.47 -17.60
C ALA B 30 26.62 7.82 -16.57
N GLN B 31 26.96 7.77 -15.29
CA GLN B 31 25.99 8.08 -14.21
C GLN B 31 25.59 9.55 -14.34
N LEU B 32 26.54 10.41 -14.71
CA LEU B 32 26.27 11.87 -14.81
C LEU B 32 25.40 12.15 -16.05
N SER B 33 25.39 11.21 -17.01
CA SER B 33 24.59 11.36 -18.25
C SER B 33 23.18 10.76 -18.06
N ASP B 34 23.08 9.46 -17.76
CA ASP B 34 21.73 8.82 -17.66
C ASP B 34 21.37 8.56 -16.20
N TYR B 35 20.16 8.92 -15.79
CA TYR B 35 19.70 8.63 -14.40
C TYR B 35 18.34 7.95 -14.47
N SER B 36 18.04 7.28 -15.58
CA SER B 36 16.74 6.59 -15.78
C SER B 36 16.58 5.42 -14.82
N ASP B 37 17.65 4.67 -14.59
CA ASP B 37 17.59 3.45 -13.73
C ASP B 37 17.20 3.82 -12.30
N ILE B 38 17.45 5.06 -11.88
CA ILE B 38 17.22 5.44 -10.45
C ILE B 38 16.00 6.37 -10.31
N VAL B 39 15.31 6.66 -11.42
CA VAL B 39 14.08 7.51 -11.36
C VAL B 39 12.88 6.59 -11.60
N THR B 40 11.65 7.11 -11.56
CA THR B 40 10.43 6.28 -11.72
C THR B 40 9.26 7.17 -12.06
N THR B 41 8.05 6.59 -12.17
CA THR B 41 6.82 7.35 -12.50
C THR B 41 6.00 7.54 -11.25
N LEU B 42 4.76 8.07 -11.37
CA LEU B 42 3.94 8.35 -10.17
C LEU B 42 2.90 7.25 -9.92
N ASP B 43 2.79 6.75 -8.69
CA ASP B 43 1.74 5.77 -8.34
C ASP B 43 0.55 6.53 -7.75
N LEU B 44 -0.48 6.78 -8.55
CA LEU B 44 -1.62 7.62 -8.08
C LEU B 44 -2.60 6.78 -7.23
N ALA B 45 -3.04 7.34 -6.11
CA ALA B 45 -3.99 6.65 -5.21
C ALA B 45 -5.36 6.57 -5.87
N PRO B 46 -6.28 5.68 -5.43
CA PRO B 46 -7.57 5.52 -6.10
C PRO B 46 -8.12 6.85 -6.60
N PRO B 47 -8.21 7.07 -7.93
CA PRO B 47 -8.66 8.34 -8.49
C PRO B 47 -10.15 8.67 -8.41
N THR B 48 -11.00 7.65 -8.51
CA THR B 48 -12.48 7.86 -8.46
C THR B 48 -13.01 7.26 -7.18
N LYS B 49 -14.17 7.74 -6.71
CA LYS B 49 -14.70 7.26 -5.41
C LYS B 49 -15.02 5.76 -5.48
N LYS B 50 -15.45 5.28 -6.66
CA LYS B 50 -15.81 3.86 -6.82
C LYS B 50 -14.54 2.99 -6.72
N LEU B 51 -13.43 3.50 -7.26
CA LEU B 51 -12.15 2.75 -7.22
C LEU B 51 -11.63 2.73 -5.77
N MET B 52 -11.93 3.79 -5.01
CA MET B 52 -11.56 3.82 -3.58
C MET B 52 -12.33 2.73 -2.84
N MET B 53 -13.62 2.58 -3.14
CA MET B 53 -14.48 1.57 -2.47
C MET B 53 -14.06 0.16 -2.90
N TRP B 54 -13.69 0.01 -4.18
CA TRP B 54 -13.22 -1.31 -4.66
C TRP B 54 -11.90 -1.68 -3.99
N LYS B 55 -11.08 -0.69 -3.63
CA LYS B 55 -9.82 -0.98 -2.90
C LYS B 55 -10.18 -1.50 -1.50
N GLU B 56 -11.34 -1.10 -0.98
CA GLU B 56 -11.75 -1.49 0.39
C GLU B 56 -12.56 -2.80 0.35
N THR B 57 -13.41 -2.99 -0.66
CA THR B 57 -14.30 -4.16 -0.69
C THR B 57 -14.01 -5.05 -1.90
N GLY B 58 -12.83 -4.95 -2.50
CA GLY B 58 -12.57 -5.70 -3.74
C GLY B 58 -11.48 -6.74 -3.59
N GLY B 59 -11.09 -7.05 -2.35
CA GLY B 59 -10.06 -8.09 -2.11
C GLY B 59 -10.69 -9.44 -1.87
N VAL B 60 -9.90 -10.51 -1.99
CA VAL B 60 -10.45 -11.90 -1.86
C VAL B 60 -11.10 -12.04 -0.48
N GLU B 61 -10.45 -11.54 0.58
CA GLU B 61 -10.98 -11.71 1.95
C GLU B 61 -12.37 -11.04 2.06
N LYS B 62 -12.47 -9.78 1.64
CA LYS B 62 -13.76 -9.03 1.72
C LYS B 62 -14.79 -9.69 0.81
N LEU B 63 -14.38 -10.15 -0.37
CA LEU B 63 -15.35 -10.74 -1.34
C LEU B 63 -15.92 -12.06 -0.76
N PHE B 64 -15.09 -12.86 -0.09
CA PHE B 64 -15.55 -14.17 0.44
C PHE B 64 -16.17 -13.98 1.82
N SER B 65 -16.20 -12.74 2.30
CA SER B 65 -16.79 -12.45 3.64
C SER B 65 -18.06 -11.61 3.50
N LEU B 66 -18.17 -10.81 2.43
CA LEU B 66 -19.34 -9.89 2.31
C LEU B 66 -20.33 -10.42 1.27
N PRO B 67 -21.63 -10.01 1.32
CA PRO B 67 -22.63 -10.47 0.36
C PRO B 67 -22.45 -9.91 -1.04
N ALA B 68 -22.97 -10.62 -2.05
CA ALA B 68 -22.89 -10.14 -3.44
C ALA B 68 -23.82 -8.93 -3.63
N GLN B 69 -24.97 -8.94 -2.96
CA GLN B 69 -25.92 -7.80 -3.04
C GLN B 69 -25.78 -6.98 -1.76
N PRO B 70 -25.30 -5.73 -1.83
CA PRO B 70 -25.08 -4.93 -0.62
C PRO B 70 -26.20 -4.92 0.41
N LEU B 71 -25.90 -5.31 1.65
CA LEU B 71 -26.92 -5.23 2.74
C LEU B 71 -26.54 -4.05 3.65
N TRP B 72 -27.44 -3.07 3.80
CA TRP B 72 -27.08 -1.82 4.53
C TRP B 72 -27.48 -1.87 6.01
N ASN B 73 -28.16 -2.93 6.47
CA ASN B 73 -28.49 -3.07 7.91
C ASN B 73 -27.69 -4.25 8.47
N ASN B 74 -27.16 -4.11 9.69
CA ASN B 74 -26.31 -5.18 10.28
C ASN B 74 -27.19 -6.37 10.67
N ARG B 75 -28.47 -6.12 10.97
CA ARG B 75 -29.40 -7.23 11.30
C ARG B 75 -29.56 -8.13 10.06
N LEU B 76 -29.82 -7.52 8.90
CA LEU B 76 -29.93 -8.30 7.64
C LEU B 76 -28.56 -8.90 7.29
N LEU B 77 -27.49 -8.18 7.58
CA LEU B 77 -26.12 -8.66 7.25
C LEU B 77 -25.75 -9.86 8.14
N LYS B 78 -26.20 -9.85 9.39
CA LYS B 78 -25.84 -10.95 10.34
C LYS B 78 -26.38 -12.29 9.82
N LEU B 79 -27.50 -12.26 9.08
CA LEU B 79 -28.09 -13.50 8.50
C LEU B 79 -27.08 -14.16 7.55
N PHE B 80 -26.27 -13.36 6.86
CA PHE B 80 -25.26 -13.91 5.91
C PHE B 80 -23.99 -14.27 6.67
N THR B 81 -23.55 -13.38 7.56
CA THR B 81 -22.27 -13.60 8.28
C THR B 81 -22.40 -14.78 9.23
N ARG B 82 -23.61 -15.07 9.71
CA ARG B 82 -23.84 -16.23 10.60
C ARG B 82 -23.61 -17.54 9.83
N CYS B 83 -23.80 -17.53 8.51
CA CYS B 83 -23.71 -18.78 7.70
C CYS B 83 -22.27 -18.95 7.17
N LEU B 84 -21.38 -18.02 7.47
CA LEU B 84 -20.00 -18.06 6.91
C LEU B 84 -19.07 -18.84 7.84
N THR B 85 -19.32 -20.13 8.01
CA THR B 85 -18.44 -20.99 8.84
C THR B 85 -18.74 -22.43 8.52
#